data_6B69
#
_entry.id   6B69
#
_cell.length_a   78.860
_cell.length_b   96.310
_cell.length_c   113.560
_cell.angle_alpha   90.00
_cell.angle_beta   109.98
_cell.angle_gamma   90.00
#
_symmetry.space_group_name_H-M   'P 1 21 1'
#
loop_
_entity.id
_entity.type
_entity.pdbx_description
1 polymer Beta-lactamase
2 non-polymer 'PHOSPHATE ION'
3 non-polymer Ceftriaxone
4 non-polymer '(2R)-2-[(S)-{[(2E)-2-(2-amino-1,3-thiazol-4-yl)-2-(methoxyimino)acetyl]amino}(carboxy)methyl]-5-(hydroxymethyl)-3,6-dihydro-2H-1,3-thiazine-4-carboxylic acid'
5 non-polymer '(2R)-2-[(1S)-1-{[(2Z)-2-(2-amino-1,3-thiazol-4-yl)-2-(methoxyimino)acetyl]amino}-2-hydroxyethyl]-5-methylidene-5,6-dihydro-2H-1,3-thiazine-4-carboxylic acid'
6 water water
#
_entity_poly.entity_id   1
_entity_poly.type   'polypeptide(L)'
_entity_poly.pdbx_seq_one_letter_code
;GADLADRFAELERRYDARLGVYVPATGTTAAIEYRADERFAFCSTFKAPLVAAVLHQNPLTHLDKLITYTSDDIRSISPV
AQQHVQTGMTIGQLCDAAIRYSDGTAANLLLADLGGPGGGTAAFTGYLRSLGDTVSRLDAEEPELNRDPPGDERDTTTPH
AIALVLQQLVLGNALPPDKRALLTDWMARNTTGAKRIRAGFPADWKVIDKTGTGDYGRANDIAVVWSPTGVPYVVAVMSD
RAGGGYDAEPREALLAEAATCVAGVLA
;
_entity_poly.pdbx_strand_id   A,B,C,D
#
loop_
_chem_comp.id
_chem_comp.type
_chem_comp.name
_chem_comp.formula
9F2 non-polymer Ceftriaxone 'C18 H18 N8 O7 S3'
CUG non-polymer '(2R)-2-[(S)-{[(2E)-2-(2-amino-1,3-thiazol-4-yl)-2-(methoxyimino)acetyl]amino}(carboxy)methyl]-5-(hydroxymethyl)-3,6-dihydro-2H-1,3-thiazine-4-carboxylic acid' 'C14 H17 N5 O7 S2'
FZS non-polymer '(2R)-2-[(1S)-1-{[(2Z)-2-(2-amino-1,3-thiazol-4-yl)-2-(methoxyimino)acetyl]amino}-2-hydroxyethyl]-5-methylidene-5,6-dihydro-2H-1,3-thiazine-4-carboxylic acid' 'C14 H17 N5 O5 S2'
PO4 non-polymer 'PHOSPHATE ION' 'O4 P -3'
#
# COMPACT_ATOMS: atom_id res chain seq x y z
N ASP A 3 6.62 -6.52 -35.46
CA ASP A 3 5.63 -5.79 -34.65
C ASP A 3 6.11 -5.65 -33.22
N LEU A 4 6.42 -6.79 -32.59
CA LEU A 4 7.15 -6.77 -31.32
C LEU A 4 8.64 -6.54 -31.55
N ALA A 5 9.17 -7.09 -32.64
CA ALA A 5 10.57 -6.86 -32.98
C ALA A 5 10.82 -5.39 -33.31
N ASP A 6 9.82 -4.71 -33.88
CA ASP A 6 9.96 -3.29 -34.18
C ASP A 6 10.17 -2.47 -32.91
N ARG A 7 9.51 -2.86 -31.82
CA ARG A 7 9.68 -2.12 -30.57
C ARG A 7 10.95 -2.50 -29.84
N PHE A 8 11.39 -3.76 -29.90
CA PHE A 8 12.69 -4.10 -29.36
C PHE A 8 13.80 -3.38 -30.12
N ALA A 9 13.71 -3.35 -31.45
CA ALA A 9 14.70 -2.62 -32.25
C ALA A 9 14.60 -1.12 -31.98
N GLU A 10 13.42 -0.64 -31.61
CA GLU A 10 13.29 0.76 -31.20
C GLU A 10 13.98 1.01 -29.87
N LEU A 11 13.90 0.03 -28.96
CA LEU A 11 14.62 0.16 -27.69
C LEU A 11 16.12 0.10 -27.91
N GLU A 12 16.57 -0.80 -28.77
CA GLU A 12 18.00 -0.85 -29.13
C GLU A 12 18.47 0.49 -29.67
N ARG A 13 17.62 1.15 -30.47
CA ARG A 13 17.97 2.44 -31.04
C ARG A 13 17.94 3.54 -29.98
N ARG A 14 16.93 3.52 -29.11
CA ARG A 14 16.84 4.53 -28.05
C ARG A 14 18.05 4.50 -27.14
N TYR A 15 18.46 3.30 -26.73
CA TYR A 15 19.50 3.14 -25.71
C TYR A 15 20.88 2.82 -26.30
N ASP A 16 21.02 2.82 -27.62
CA ASP A 16 22.28 2.50 -28.29
C ASP A 16 22.84 1.17 -27.77
N ALA A 17 22.02 0.13 -27.90
CA ALA A 17 22.30 -1.14 -27.28
C ALA A 17 21.89 -2.28 -28.20
N ARG A 18 22.42 -3.46 -27.93
CA ARG A 18 21.98 -4.70 -28.55
C ARG A 18 21.18 -5.47 -27.50
N LEU A 19 19.94 -5.84 -27.83
CA LEU A 19 19.03 -6.42 -26.87
C LEU A 19 18.71 -7.86 -27.27
N GLY A 20 18.81 -8.77 -26.31
CA GLY A 20 18.43 -10.15 -26.53
C GLY A 20 17.30 -10.54 -25.60
N VAL A 21 16.23 -11.10 -26.16
CA VAL A 21 15.04 -11.46 -25.40
C VAL A 21 14.62 -12.87 -25.79
N TYR A 22 14.27 -13.67 -24.79
CA TYR A 22 13.66 -14.97 -25.06
C TYR A 22 12.67 -15.31 -23.96
N VAL A 23 11.46 -15.71 -24.38
CA VAL A 23 10.44 -16.25 -23.48
C VAL A 23 10.00 -17.59 -24.06
N PRO A 24 10.27 -18.71 -23.39
CA PRO A 24 9.85 -20.00 -23.93
C PRO A 24 8.34 -20.04 -24.16
N ALA A 25 7.95 -20.74 -25.23
CA ALA A 25 6.54 -20.89 -25.55
C ALA A 25 5.84 -21.74 -24.50
N THR A 26 4.56 -21.45 -24.30
CA THR A 26 3.70 -22.26 -23.44
C THR A 26 2.57 -22.84 -24.28
N GLY A 27 1.65 -23.53 -23.60
CA GLY A 27 0.47 -24.04 -24.30
C GLY A 27 -0.38 -22.94 -24.89
N THR A 28 -0.48 -21.81 -24.19
CA THR A 28 -1.32 -20.71 -24.62
C THR A 28 -0.57 -19.66 -25.44
N THR A 29 0.71 -19.48 -25.18
CA THR A 29 1.48 -18.39 -25.76
C THR A 29 2.57 -18.91 -26.67
N ALA A 30 2.87 -18.16 -27.72
CA ALA A 30 3.97 -18.47 -28.60
C ALA A 30 5.28 -17.91 -28.02
N ALA A 31 6.39 -18.47 -28.47
CA ALA A 31 7.68 -18.02 -28.00
C ALA A 31 7.94 -16.58 -28.46
N ILE A 32 8.61 -15.81 -27.60
CA ILE A 32 9.07 -14.48 -27.93
C ILE A 32 10.57 -14.56 -28.14
N GLU A 33 11.04 -14.12 -29.31
CA GLU A 33 12.45 -14.24 -29.69
C GLU A 33 12.90 -12.93 -30.30
N TYR A 34 13.96 -12.36 -29.75
CA TYR A 34 14.65 -11.21 -30.34
C TYR A 34 16.13 -11.39 -30.05
N ARG A 35 16.89 -11.61 -31.11
CA ARG A 35 18.26 -12.12 -31.03
C ARG A 35 18.37 -13.17 -29.93
N ALA A 36 17.59 -14.23 -30.10
CA ALA A 36 17.48 -15.22 -29.03
C ALA A 36 18.67 -16.15 -29.02
N ASP A 37 19.33 -16.32 -30.17
CA ASP A 37 20.45 -17.24 -30.31
C ASP A 37 21.78 -16.52 -30.50
N GLU A 38 21.79 -15.20 -30.43
CA GLU A 38 23.06 -14.47 -30.35
C GLU A 38 23.66 -14.64 -28.97
N ARG A 39 24.99 -14.60 -28.91
CA ARG A 39 25.71 -14.79 -27.66
C ARG A 39 25.82 -13.49 -26.90
N PHE A 40 25.53 -13.55 -25.60
CA PHE A 40 25.75 -12.45 -24.68
C PHE A 40 26.53 -12.98 -23.49
N ALA A 41 27.32 -12.11 -22.87
CA ALA A 41 28.08 -12.52 -21.70
C ALA A 41 27.15 -12.88 -20.57
N PHE A 42 27.42 -14.02 -19.92
CA PHE A 42 26.73 -14.38 -18.69
C PHE A 42 26.65 -13.21 -17.73
N CYS A 43 27.81 -12.60 -17.46
CA CYS A 43 28.00 -11.80 -16.25
C CYS A 43 27.46 -12.63 -15.08
N SER A 44 26.82 -11.99 -14.11
CA SER A 44 26.45 -12.70 -12.90
C SER A 44 25.20 -13.57 -13.05
N THR A 45 24.63 -13.72 -14.25
CA THR A 45 23.47 -14.59 -14.39
C THR A 45 23.84 -16.07 -14.20
N PHE A 46 25.11 -16.43 -14.40
CA PHE A 46 25.53 -17.81 -14.19
C PHE A 46 25.45 -18.24 -12.74
N LYS A 47 25.39 -17.29 -11.80
CA LYS A 47 25.39 -17.64 -10.39
C LYS A 47 24.14 -18.39 -9.97
N ALA A 48 23.03 -18.26 -10.70
CA ALA A 48 21.84 -19.03 -10.36
C ALA A 48 21.98 -20.50 -10.74
N PRO A 49 22.33 -20.87 -11.98
CA PRO A 49 22.60 -22.29 -12.26
C PRO A 49 23.82 -22.83 -11.52
N LEU A 50 24.78 -21.97 -11.15
CA LEU A 50 25.91 -22.42 -10.35
C LEU A 50 25.43 -23.01 -9.03
N VAL A 51 24.51 -22.32 -8.36
CA VAL A 51 23.93 -22.84 -7.12
C VAL A 51 23.20 -24.16 -7.37
N ALA A 52 22.51 -24.26 -8.51
CA ALA A 52 21.85 -25.52 -8.86
C ALA A 52 22.87 -26.63 -9.05
N ALA A 53 24.02 -26.33 -9.66
CA ALA A 53 25.07 -27.33 -9.79
C ALA A 53 25.57 -27.79 -8.43
N VAL A 54 25.73 -26.85 -7.49
CA VAL A 54 26.19 -27.20 -6.16
C VAL A 54 25.13 -28.02 -5.42
N LEU A 55 23.86 -27.64 -5.56
CA LEU A 55 22.79 -28.38 -4.89
C LEU A 55 22.63 -29.79 -5.46
N HIS A 56 22.72 -29.92 -6.79
CA HIS A 56 22.47 -31.20 -7.43
C HIS A 56 23.58 -32.20 -7.13
N GLN A 57 24.82 -31.71 -7.05
CA GLN A 57 25.95 -32.60 -6.83
C GLN A 57 26.08 -33.03 -5.38
N ASN A 58 25.41 -32.33 -4.45
CA ASN A 58 25.67 -32.52 -3.03
C ASN A 58 24.40 -32.76 -2.25
N PRO A 59 24.47 -33.52 -1.16
CA PRO A 59 23.33 -33.57 -0.24
C PRO A 59 23.16 -32.26 0.49
N LEU A 60 21.96 -32.05 1.02
CA LEU A 60 21.64 -30.80 1.73
C LEU A 60 22.63 -30.53 2.86
N THR A 61 23.14 -31.57 3.52
CA THR A 61 24.08 -31.37 4.62
C THR A 61 25.33 -30.63 4.18
N HIS A 62 25.67 -30.68 2.89
CA HIS A 62 26.82 -29.94 2.37
C HIS A 62 26.65 -28.43 2.53
N LEU A 63 25.41 -27.95 2.66
CA LEU A 63 25.18 -26.52 2.80
C LEU A 63 25.82 -25.96 4.08
N ASP A 64 25.96 -26.80 5.11
CA ASP A 64 26.52 -26.38 6.38
C ASP A 64 28.04 -26.46 6.43
N LYS A 65 28.68 -26.91 5.36
CA LYS A 65 30.14 -26.95 5.32
C LYS A 65 30.70 -25.55 5.34
N LEU A 66 31.67 -25.32 6.23
CA LEU A 66 32.28 -24.01 6.40
C LEU A 66 33.45 -23.81 5.45
N ILE A 67 33.43 -22.70 4.72
CA ILE A 67 34.53 -22.31 3.83
C ILE A 67 35.20 -21.08 4.43
N THR A 68 36.51 -21.16 4.61
CA THR A 68 37.30 -20.04 5.09
C THR A 68 38.08 -19.43 3.93
N TYR A 69 38.25 -18.11 3.99
CA TYR A 69 38.96 -17.40 2.93
C TYR A 69 39.62 -16.17 3.54
N THR A 70 40.45 -15.52 2.73
CA THR A 70 41.22 -14.36 3.15
C THR A 70 40.78 -13.14 2.35
N SER A 71 41.33 -11.99 2.73
CA SER A 71 41.03 -10.76 1.99
C SER A 71 41.53 -10.83 0.55
N ASP A 72 42.55 -11.66 0.30
CA ASP A 72 43.08 -11.80 -1.06
C ASP A 72 42.08 -12.46 -2.00
N ASP A 73 41.13 -13.23 -1.46
CA ASP A 73 40.13 -13.92 -2.28
C ASP A 73 39.01 -13.01 -2.75
N ILE A 74 38.89 -11.80 -2.20
CA ILE A 74 37.85 -10.85 -2.59
C ILE A 74 38.35 -10.05 -3.78
N ARG A 75 37.64 -10.15 -4.90
CA ARG A 75 38.08 -9.53 -6.15
C ARG A 75 37.03 -8.61 -6.78
N SER A 76 35.76 -8.98 -6.70
CA SER A 76 34.66 -8.26 -7.32
C SER A 76 33.65 -7.84 -6.25
N ILE A 77 32.55 -7.25 -6.70
CA ILE A 77 31.46 -6.84 -5.82
C ILE A 77 31.03 -8.01 -4.94
N SER A 78 31.34 -7.93 -3.65
CA SER A 78 31.08 -9.02 -2.70
C SER A 78 30.55 -8.41 -1.41
N PRO A 79 29.28 -7.98 -1.41
CA PRO A 79 28.74 -7.28 -0.24
C PRO A 79 28.67 -8.13 1.02
N VAL A 80 28.56 -9.45 0.87
CA VAL A 80 28.44 -10.36 2.01
C VAL A 80 29.79 -10.94 2.42
N ALA A 81 30.56 -11.40 1.44
CA ALA A 81 31.84 -12.05 1.74
C ALA A 81 32.80 -11.11 2.46
N GLN A 82 32.73 -9.81 2.16
CA GLN A 82 33.62 -8.86 2.80
C GLN A 82 33.31 -8.69 4.29
N GLN A 83 32.16 -9.16 4.75
CA GLN A 83 31.78 -9.07 6.16
C GLN A 83 32.06 -10.36 6.91
N HIS A 84 32.78 -11.31 6.31
CA HIS A 84 32.92 -12.63 6.90
C HIS A 84 34.30 -13.24 6.65
N VAL A 85 35.33 -12.40 6.46
CA VAL A 85 36.68 -12.93 6.29
C VAL A 85 37.12 -13.70 7.52
N GLN A 86 36.86 -13.14 8.71
CA GLN A 86 37.32 -13.79 9.94
C GLN A 86 36.45 -15.00 10.28
N THR A 87 35.15 -14.93 10.01
CA THR A 87 34.23 -15.98 10.39
C THR A 87 34.16 -17.13 9.38
N GLY A 88 34.46 -16.87 8.11
CA GLY A 88 34.17 -17.82 7.07
C GLY A 88 32.70 -17.81 6.72
N MET A 89 32.35 -18.58 5.70
CA MET A 89 30.96 -18.65 5.27
C MET A 89 30.61 -20.09 4.92
N THR A 90 29.43 -20.52 5.33
CA THR A 90 28.94 -21.84 4.96
C THR A 90 28.55 -21.86 3.48
N ILE A 91 28.50 -23.07 2.94
CA ILE A 91 28.09 -23.24 1.55
C ILE A 91 26.72 -22.62 1.31
N GLY A 92 25.79 -22.81 2.25
CA GLY A 92 24.49 -22.18 2.14
C GLY A 92 24.57 -20.67 2.09
N GLN A 93 25.41 -20.07 2.93
CA GLN A 93 25.58 -18.63 2.92
C GLN A 93 26.19 -18.16 1.60
N LEU A 94 27.13 -18.94 1.05
CA LEU A 94 27.71 -18.59 -0.24
C LEU A 94 26.66 -18.68 -1.35
N CYS A 95 25.81 -19.71 -1.30
CA CYS A 95 24.71 -19.80 -2.25
C CYS A 95 23.74 -18.64 -2.10
N ASP A 96 23.31 -18.38 -0.87
CA ASP A 96 22.44 -17.24 -0.59
C ASP A 96 23.05 -15.93 -1.09
N ALA A 97 24.32 -15.70 -0.79
CA ALA A 97 24.96 -14.44 -1.17
C ALA A 97 25.13 -14.34 -2.69
N ALA A 98 25.48 -15.46 -3.34
CA ALA A 98 25.72 -15.42 -4.79
C ALA A 98 24.46 -15.08 -5.56
N ILE A 99 23.30 -15.56 -5.10
CA ILE A 99 22.06 -15.30 -5.82
C ILE A 99 21.46 -13.95 -5.42
N ARG A 100 21.31 -13.72 -4.11
CA ARG A 100 20.54 -12.57 -3.65
C ARG A 100 21.32 -11.28 -3.69
N TYR A 101 22.64 -11.33 -3.48
CA TYR A 101 23.49 -10.14 -3.53
C TYR A 101 24.48 -10.17 -4.68
N SER A 102 24.43 -11.19 -5.53
CA SER A 102 25.34 -11.31 -6.67
C SER A 102 26.80 -11.25 -6.21
N ASP A 103 27.06 -11.84 -5.04
CA ASP A 103 28.39 -11.80 -4.46
C ASP A 103 29.38 -12.54 -5.34
N GLY A 104 30.40 -11.82 -5.80
CA GLY A 104 31.36 -12.41 -6.71
C GLY A 104 32.28 -13.42 -6.05
N THR A 105 32.75 -13.10 -4.84
CA THR A 105 33.61 -14.04 -4.11
C THR A 105 32.86 -15.32 -3.79
N ALA A 106 31.57 -15.21 -3.45
CA ALA A 106 30.77 -16.40 -3.15
C ALA A 106 30.68 -17.33 -4.35
N ALA A 107 30.54 -16.76 -5.55
CA ALA A 107 30.47 -17.60 -6.74
C ALA A 107 31.80 -18.30 -7.01
N ASN A 108 32.92 -17.61 -6.77
CA ASN A 108 34.23 -18.22 -6.98
C ASN A 108 34.46 -19.37 -6.01
N LEU A 109 34.02 -19.24 -4.76
CA LEU A 109 34.16 -20.33 -3.80
C LEU A 109 33.27 -21.50 -4.18
N LEU A 110 32.07 -21.23 -4.70
CA LEU A 110 31.19 -22.30 -5.12
C LEU A 110 31.71 -22.98 -6.39
N LEU A 111 32.30 -22.20 -7.29
CA LEU A 111 32.97 -22.80 -8.45
C LEU A 111 34.11 -23.70 -8.00
N ALA A 112 34.92 -23.24 -7.04
CA ALA A 112 35.99 -24.08 -6.50
C ALA A 112 35.42 -25.32 -5.83
N ASP A 113 34.24 -25.19 -5.20
CA ASP A 113 33.61 -26.34 -4.57
C ASP A 113 33.19 -27.37 -5.63
N LEU A 114 32.92 -26.91 -6.85
CA LEU A 114 32.67 -27.85 -7.95
C LEU A 114 33.95 -28.58 -8.35
N GLY A 115 35.09 -27.91 -8.26
CA GLY A 115 36.37 -28.53 -8.51
C GLY A 115 36.72 -28.62 -9.97
N GLY A 116 37.94 -29.09 -10.23
CA GLY A 116 38.41 -29.31 -11.57
C GLY A 116 39.17 -28.15 -12.16
N PRO A 117 39.50 -28.24 -13.44
CA PRO A 117 40.29 -27.19 -14.09
C PRO A 117 39.54 -25.88 -14.19
N GLY A 118 40.30 -24.79 -14.27
CA GLY A 118 39.72 -23.47 -14.40
C GLY A 118 38.92 -23.01 -13.21
N GLY A 119 39.21 -23.54 -12.03
CA GLY A 119 38.49 -23.14 -10.83
C GLY A 119 37.04 -23.57 -10.78
N GLY A 120 36.66 -24.59 -11.56
CA GLY A 120 35.30 -25.08 -11.60
C GLY A 120 34.53 -24.72 -12.86
N THR A 121 35.12 -23.91 -13.74
CA THR A 121 34.41 -23.45 -14.94
C THR A 121 34.11 -24.60 -15.89
N ALA A 122 35.01 -25.59 -15.99
CA ALA A 122 34.74 -26.75 -16.82
C ALA A 122 33.62 -27.60 -16.23
N ALA A 123 33.60 -27.75 -14.90
CA ALA A 123 32.55 -28.54 -14.25
C ALA A 123 31.20 -27.84 -14.31
N PHE A 124 31.20 -26.51 -14.18
CA PHE A 124 29.96 -25.76 -14.31
C PHE A 124 29.42 -25.85 -15.73
N THR A 125 30.30 -25.70 -16.73
CA THR A 125 29.88 -25.88 -18.12
C THR A 125 29.31 -27.28 -18.33
N GLY A 126 29.98 -28.29 -17.76
CA GLY A 126 29.47 -29.65 -17.85
C GLY A 126 28.09 -29.80 -17.24
N TYR A 127 27.81 -29.05 -16.17
CA TYR A 127 26.48 -29.11 -15.55
C TYR A 127 25.42 -28.57 -16.50
N LEU A 128 25.73 -27.48 -17.21
CA LEU A 128 24.80 -26.96 -18.21
C LEU A 128 24.54 -27.99 -19.29
N ARG A 129 25.59 -28.74 -19.70
CA ARG A 129 25.41 -29.79 -20.70
C ARG A 129 24.43 -30.85 -20.23
N SER A 130 24.49 -31.21 -18.94
CA SER A 130 23.53 -32.16 -18.39
C SER A 130 22.10 -31.64 -18.49
N LEU A 131 21.91 -30.33 -18.65
CA LEU A 131 20.59 -29.74 -18.79
C LEU A 131 20.18 -29.61 -20.25
N GLY A 132 21.03 -30.03 -21.19
CA GLY A 132 20.75 -29.91 -22.61
C GLY A 132 21.32 -28.68 -23.28
N ASP A 133 21.94 -27.79 -22.51
CA ASP A 133 22.54 -26.56 -23.04
C ASP A 133 23.94 -26.87 -23.55
N THR A 134 24.08 -26.93 -24.87
CA THR A 134 25.35 -27.20 -25.52
C THR A 134 26.06 -25.93 -25.99
N VAL A 135 25.42 -24.78 -25.82
CA VAL A 135 25.93 -23.52 -26.36
C VAL A 135 26.70 -22.73 -25.30
N SER A 136 26.21 -22.71 -24.07
CA SER A 136 26.78 -21.82 -23.06
C SER A 136 28.10 -22.38 -22.55
N ARG A 137 28.94 -21.47 -22.05
CA ARG A 137 30.23 -21.86 -21.51
C ARG A 137 30.70 -20.82 -20.51
N LEU A 138 31.28 -21.28 -19.42
CA LEU A 138 31.99 -20.43 -18.47
C LEU A 138 33.47 -20.77 -18.53
N ASP A 139 34.30 -19.73 -18.68
CA ASP A 139 35.73 -19.91 -18.87
C ASP A 139 36.58 -19.21 -17.82
N ALA A 140 36.06 -18.17 -17.17
CA ALA A 140 36.79 -17.43 -16.16
C ALA A 140 35.94 -17.28 -14.90
N GLU A 141 36.58 -16.83 -13.83
CA GLU A 141 35.91 -16.53 -12.57
C GLU A 141 35.63 -15.04 -12.49
N GLU A 142 35.03 -14.62 -11.37
CA GLU A 142 34.89 -13.20 -11.11
C GLU A 142 36.27 -12.60 -10.81
N PRO A 143 36.57 -11.39 -11.32
CA PRO A 143 35.68 -10.57 -12.15
C PRO A 143 35.97 -10.65 -13.65
N GLU A 144 36.87 -11.54 -14.05
CA GLU A 144 37.31 -11.58 -15.44
C GLU A 144 36.17 -11.92 -16.39
N LEU A 145 35.23 -12.77 -15.97
CA LEU A 145 34.16 -13.21 -16.86
C LEU A 145 33.26 -12.07 -17.34
N ASN A 146 33.32 -10.90 -16.71
CA ASN A 146 32.57 -9.74 -17.17
C ASN A 146 33.34 -8.91 -18.19
N ARG A 147 34.58 -9.29 -18.50
CA ARG A 147 35.50 -8.41 -19.23
C ARG A 147 35.88 -8.94 -20.61
N ASP A 148 35.28 -10.02 -21.07
CA ASP A 148 35.61 -10.52 -22.39
C ASP A 148 35.14 -9.52 -23.45
N PRO A 149 35.94 -9.27 -24.48
CA PRO A 149 35.56 -8.32 -25.52
C PRO A 149 34.39 -8.87 -26.33
N PRO A 150 33.63 -7.99 -27.00
CA PRO A 150 32.57 -8.48 -27.89
C PRO A 150 33.13 -9.38 -28.97
N GLY A 151 32.31 -10.35 -29.39
CA GLY A 151 32.73 -11.36 -30.34
C GLY A 151 33.39 -12.57 -29.73
N ASP A 152 33.94 -12.43 -28.52
CA ASP A 152 34.53 -13.57 -27.81
C ASP A 152 33.42 -14.46 -27.26
N GLU A 153 33.48 -15.74 -27.59
CA GLU A 153 32.46 -16.70 -27.16
C GLU A 153 32.62 -17.14 -25.71
N ARG A 154 33.75 -16.84 -25.07
CA ARG A 154 33.98 -17.28 -23.71
C ARG A 154 33.05 -16.55 -22.73
N ASP A 155 32.59 -17.29 -21.72
CA ASP A 155 31.73 -16.74 -20.67
C ASP A 155 30.44 -16.15 -21.24
N THR A 156 29.92 -16.79 -22.29
CA THR A 156 28.72 -16.34 -22.97
C THR A 156 27.65 -17.41 -22.91
N THR A 157 26.40 -16.95 -23.02
CA THR A 157 25.24 -17.79 -23.19
C THR A 157 24.37 -17.10 -24.23
N THR A 158 23.16 -17.62 -24.43
CA THR A 158 22.18 -16.96 -25.26
C THR A 158 20.88 -16.83 -24.49
N PRO A 159 20.04 -15.85 -24.82
CA PRO A 159 18.72 -15.77 -24.18
C PRO A 159 17.93 -17.07 -24.32
N HIS A 160 18.03 -17.72 -25.48
CA HIS A 160 17.37 -19.01 -25.67
C HIS A 160 17.89 -20.04 -24.68
N ALA A 161 19.21 -20.18 -24.60
CA ALA A 161 19.80 -21.26 -23.80
C ALA A 161 19.57 -21.03 -22.31
N ILE A 162 19.82 -19.81 -21.83
CA ILE A 162 19.70 -19.56 -20.40
C ILE A 162 18.24 -19.59 -19.95
N ALA A 163 17.30 -19.20 -20.82
CA ALA A 163 15.90 -19.26 -20.43
C ALA A 163 15.45 -20.70 -20.26
N LEU A 164 15.85 -21.58 -21.18
CA LEU A 164 15.48 -22.98 -21.06
C LEU A 164 16.18 -23.64 -19.87
N VAL A 165 17.39 -23.19 -19.55
CA VAL A 165 18.07 -23.69 -18.36
C VAL A 165 17.28 -23.33 -17.11
N LEU A 166 16.93 -22.04 -16.97
CA LEU A 166 16.17 -21.58 -15.82
C LEU A 166 14.80 -22.26 -15.74
N GLN A 167 14.18 -22.50 -16.90
CA GLN A 167 12.86 -23.15 -16.91
C GLN A 167 12.93 -24.52 -16.26
N GLN A 168 13.97 -25.30 -16.57
CA GLN A 168 14.11 -26.61 -15.97
C GLN A 168 14.42 -26.54 -14.48
N LEU A 169 15.15 -25.50 -14.05
CA LEU A 169 15.56 -25.43 -12.65
C LEU A 169 14.39 -25.04 -11.75
N VAL A 170 13.55 -24.11 -12.18
CA VAL A 170 12.49 -23.55 -11.35
C VAL A 170 11.15 -24.23 -11.60
N LEU A 171 10.78 -24.44 -12.86
CA LEU A 171 9.48 -25.01 -13.20
C LEU A 171 9.55 -26.51 -13.48
N GLY A 172 10.70 -27.02 -13.91
CA GLY A 172 10.86 -28.42 -14.20
C GLY A 172 11.37 -29.20 -13.01
N ASN A 173 12.00 -30.34 -13.31
CA ASN A 173 12.45 -31.28 -12.29
C ASN A 173 13.94 -31.55 -12.40
N ALA A 174 14.72 -30.53 -12.79
CA ALA A 174 16.17 -30.67 -12.76
C ALA A 174 16.68 -30.95 -11.35
N LEU A 175 16.01 -30.38 -10.34
CA LEU A 175 16.33 -30.57 -8.94
C LEU A 175 15.16 -31.20 -8.20
N PRO A 176 15.43 -32.02 -7.19
CA PRO A 176 14.35 -32.50 -6.31
C PRO A 176 13.64 -31.35 -5.64
N PRO A 177 12.40 -31.55 -5.19
CA PRO A 177 11.59 -30.41 -4.72
C PRO A 177 12.21 -29.60 -3.59
N ASP A 178 12.93 -30.24 -2.66
CA ASP A 178 13.49 -29.51 -1.53
C ASP A 178 14.55 -28.53 -1.99
N LYS A 179 15.45 -28.97 -2.87
CA LYS A 179 16.48 -28.08 -3.40
C LYS A 179 15.88 -27.04 -4.35
N ARG A 180 14.86 -27.44 -5.11
CA ARG A 180 14.17 -26.50 -5.99
C ARG A 180 13.60 -25.33 -5.21
N ALA A 181 13.06 -25.60 -4.01
CA ALA A 181 12.48 -24.54 -3.19
C ALA A 181 13.56 -23.61 -2.67
N LEU A 182 14.73 -24.15 -2.32
CA LEU A 182 15.83 -23.32 -1.87
C LEU A 182 16.30 -22.37 -2.96
N LEU A 183 16.56 -22.92 -4.16
CA LEU A 183 16.94 -22.09 -5.30
C LEU A 183 15.88 -21.05 -5.62
N THR A 184 14.60 -21.46 -5.61
CA THR A 184 13.52 -20.53 -5.95
C THR A 184 13.37 -19.42 -4.92
N ASP A 185 13.45 -19.76 -3.63
CA ASP A 185 13.27 -18.74 -2.59
C ASP A 185 14.39 -17.72 -2.60
N TRP A 186 15.63 -18.16 -2.83
CA TRP A 186 16.75 -17.25 -2.93
C TRP A 186 16.53 -16.25 -4.06
N MET A 187 16.17 -16.74 -5.24
CA MET A 187 15.88 -15.87 -6.37
C MET A 187 14.67 -14.98 -6.10
N ALA A 188 13.70 -15.49 -5.34
CA ALA A 188 12.51 -14.69 -5.02
C ALA A 188 12.85 -13.51 -4.13
N ARG A 189 13.86 -13.66 -3.27
CA ARG A 189 14.29 -12.62 -2.35
C ARG A 189 15.56 -11.93 -2.80
N ASN A 190 15.81 -11.91 -4.11
CA ASN A 190 16.96 -11.22 -4.67
C ASN A 190 16.85 -9.72 -4.43
N THR A 191 17.99 -9.08 -4.18
CA THR A 191 18.01 -7.66 -3.83
C THR A 191 18.59 -6.78 -4.94
N THR A 192 18.89 -7.34 -6.11
CA THR A 192 19.60 -6.62 -7.15
C THR A 192 18.77 -6.35 -8.40
N GLY A 193 17.55 -6.85 -8.49
CA GLY A 193 16.80 -6.77 -9.73
C GLY A 193 15.58 -5.86 -9.71
N ALA A 194 15.52 -4.94 -8.74
CA ALA A 194 14.32 -4.12 -8.58
C ALA A 194 14.08 -3.20 -9.77
N LYS A 195 15.14 -2.79 -10.47
CA LYS A 195 15.02 -1.83 -11.56
C LYS A 195 15.05 -2.48 -12.94
N ARG A 196 14.98 -3.80 -13.01
CA ARG A 196 15.07 -4.47 -14.30
C ARG A 196 13.74 -5.14 -14.62
N ILE A 197 13.72 -6.47 -14.76
CA ILE A 197 12.47 -7.13 -15.15
C ILE A 197 11.37 -6.85 -14.15
N ARG A 198 11.72 -6.80 -12.86
CA ARG A 198 10.74 -6.49 -11.81
C ARG A 198 10.06 -5.14 -12.05
N ALA A 199 10.83 -4.15 -12.52
CA ALA A 199 10.29 -2.81 -12.74
C ALA A 199 9.39 -2.73 -13.97
N GLY A 200 9.46 -3.72 -14.87
CA GLY A 200 8.68 -3.67 -16.09
C GLY A 200 7.37 -4.44 -16.01
N PHE A 201 7.21 -5.26 -14.96
CA PHE A 201 5.98 -6.02 -14.77
C PHE A 201 5.11 -5.37 -13.71
N PRO A 202 3.78 -5.43 -13.87
CA PRO A 202 2.89 -4.93 -12.82
C PRO A 202 3.14 -5.64 -11.50
N ALA A 203 2.84 -4.92 -10.41
CA ALA A 203 3.19 -5.41 -9.08
C ALA A 203 2.50 -6.73 -8.74
N ASP A 204 1.33 -7.00 -9.30
CA ASP A 204 0.62 -8.23 -8.98
C ASP A 204 1.16 -9.44 -9.74
N TRP A 205 2.15 -9.24 -10.61
CA TRP A 205 2.93 -10.35 -11.17
C TRP A 205 4.09 -10.64 -10.23
N LYS A 206 4.22 -11.89 -9.81
CA LYS A 206 5.37 -12.27 -9.01
C LYS A 206 6.58 -12.46 -9.90
N VAL A 207 7.74 -11.97 -9.45
CA VAL A 207 8.96 -11.98 -10.23
C VAL A 207 10.10 -12.49 -9.35
N ILE A 208 10.75 -13.57 -9.79
CA ILE A 208 12.01 -14.02 -9.22
C ILE A 208 13.06 -13.91 -10.32
N ASP A 209 14.26 -13.46 -9.95
CA ASP A 209 15.22 -13.13 -10.99
C ASP A 209 16.65 -13.26 -10.50
N LYS A 210 17.56 -13.29 -11.46
CA LYS A 210 19.00 -13.18 -11.22
C LYS A 210 19.57 -12.18 -12.20
N THR A 211 20.26 -11.17 -11.69
CA THR A 211 20.81 -10.11 -12.53
C THR A 211 22.21 -10.47 -13.02
N GLY A 212 22.63 -9.75 -14.05
CA GLY A 212 24.01 -9.78 -14.51
C GLY A 212 24.43 -8.43 -15.03
N THR A 213 25.62 -7.97 -14.64
CA THR A 213 26.12 -6.68 -15.07
C THR A 213 27.62 -6.78 -15.30
N GLY A 214 28.08 -6.20 -16.41
CA GLY A 214 29.49 -6.21 -16.74
C GLY A 214 29.91 -5.01 -17.57
N ASP A 215 31.14 -5.06 -18.09
CA ASP A 215 31.64 -3.99 -18.94
C ASP A 215 30.98 -4.06 -20.32
N TYR A 216 31.30 -3.09 -21.16
CA TYR A 216 30.69 -2.92 -22.49
C TYR A 216 29.17 -2.74 -22.39
N GLY A 217 28.72 -2.08 -21.32
CA GLY A 217 27.32 -1.79 -21.12
C GLY A 217 26.44 -3.01 -20.88
N ARG A 218 27.01 -4.10 -20.39
CA ARG A 218 26.29 -5.35 -20.21
C ARG A 218 25.36 -5.29 -19.02
N ALA A 219 24.08 -5.58 -19.26
CA ALA A 219 23.08 -5.65 -18.20
C ALA A 219 22.09 -6.74 -18.58
N ASN A 220 22.05 -7.80 -17.78
CA ASN A 220 21.15 -8.92 -18.01
C ASN A 220 20.20 -9.08 -16.83
N ASP A 221 19.10 -9.77 -17.09
CA ASP A 221 18.19 -10.19 -16.04
C ASP A 221 17.47 -11.43 -16.55
N ILE A 222 17.57 -12.53 -15.82
CA ILE A 222 16.84 -13.76 -16.12
C ILE A 222 15.80 -13.95 -15.03
N ALA A 223 14.56 -14.24 -15.42
CA ALA A 223 13.47 -14.25 -14.47
C ALA A 223 12.48 -15.36 -14.77
N VAL A 224 11.81 -15.81 -13.71
CA VAL A 224 10.55 -16.54 -13.81
C VAL A 224 9.47 -15.63 -13.23
N VAL A 225 8.42 -15.40 -14.01
CA VAL A 225 7.34 -14.51 -13.60
C VAL A 225 6.04 -15.31 -13.59
N TRP A 226 5.16 -14.97 -12.65
CA TRP A 226 3.86 -15.59 -12.52
C TRP A 226 2.77 -14.55 -12.76
N SER A 227 1.83 -14.87 -13.64
CA SER A 227 0.68 -14.01 -13.87
C SER A 227 -0.17 -13.93 -12.62
N PRO A 228 -1.08 -12.94 -12.53
CA PRO A 228 -2.00 -12.92 -11.39
C PRO A 228 -2.82 -14.19 -11.22
N THR A 229 -3.08 -14.90 -12.32
CA THR A 229 -3.76 -16.19 -12.26
C THR A 229 -2.82 -17.35 -11.97
N GLY A 230 -1.54 -17.08 -11.73
CA GLY A 230 -0.60 -18.13 -11.39
C GLY A 230 0.07 -18.82 -12.55
N VAL A 231 0.03 -18.25 -13.75
CA VAL A 231 0.64 -18.87 -14.93
C VAL A 231 2.10 -18.44 -14.98
N PRO A 232 3.04 -19.37 -15.00
CA PRO A 232 4.47 -19.00 -15.00
C PRO A 232 5.04 -18.82 -16.41
N TYR A 233 5.96 -17.87 -16.51
CA TYR A 233 6.71 -17.63 -17.73
C TYR A 233 8.16 -17.40 -17.37
N VAL A 234 9.05 -17.85 -18.25
CA VAL A 234 10.48 -17.60 -18.12
C VAL A 234 10.85 -16.47 -19.07
N VAL A 235 11.56 -15.46 -18.55
CA VAL A 235 11.94 -14.29 -19.33
C VAL A 235 13.44 -14.12 -19.22
N ALA A 236 14.12 -14.18 -20.37
CA ALA A 236 15.54 -13.90 -20.46
C ALA A 236 15.72 -12.61 -21.24
N VAL A 237 16.35 -11.62 -20.61
CA VAL A 237 16.61 -10.33 -21.25
C VAL A 237 18.09 -10.04 -21.08
N MET A 238 18.79 -9.88 -22.19
CA MET A 238 20.22 -9.61 -22.18
C MET A 238 20.52 -8.40 -23.04
N SER A 239 21.54 -7.65 -22.64
CA SER A 239 21.88 -6.44 -23.37
C SER A 239 23.36 -6.11 -23.18
N ASP A 240 23.94 -5.46 -24.18
CA ASP A 240 25.24 -4.84 -24.06
C ASP A 240 25.27 -3.60 -24.93
N ARG A 241 26.25 -2.74 -24.68
CA ARG A 241 26.46 -1.49 -25.39
C ARG A 241 27.90 -1.39 -25.88
N ALA A 242 28.33 -2.44 -26.60
CA ALA A 242 29.74 -2.59 -26.94
C ALA A 242 30.26 -1.42 -27.77
N GLY A 243 29.40 -0.79 -28.56
CA GLY A 243 29.82 0.38 -29.34
C GLY A 243 30.37 1.50 -28.49
N GLY A 244 29.99 1.57 -27.22
CA GLY A 244 30.54 2.55 -26.31
C GLY A 244 31.82 2.15 -25.60
N GLY A 245 32.40 1.00 -25.94
CA GLY A 245 33.67 0.61 -25.37
C GLY A 245 33.54 -0.13 -24.04
N TYR A 246 34.71 -0.46 -23.50
CA TYR A 246 34.78 -1.15 -22.21
C TYR A 246 34.04 -0.38 -21.13
N ASP A 247 34.11 0.95 -21.16
CA ASP A 247 33.53 1.81 -20.14
C ASP A 247 32.06 2.12 -20.39
N ALA A 248 31.45 1.50 -21.39
CA ALA A 248 30.03 1.73 -21.65
C ALA A 248 29.21 1.41 -20.42
N GLU A 249 28.29 2.28 -20.09
CA GLU A 249 27.47 2.12 -18.90
C GLU A 249 26.26 1.26 -19.21
N PRO A 250 25.93 0.28 -18.36
CA PRO A 250 24.68 -0.46 -18.54
C PRO A 250 23.48 0.43 -18.30
N ARG A 251 22.40 0.12 -19.01
CA ARG A 251 21.15 0.87 -18.91
C ARG A 251 20.08 -0.08 -18.37
N GLU A 252 19.81 0.01 -17.06
CA GLU A 252 18.78 -0.84 -16.48
C GLU A 252 17.40 -0.54 -17.07
N ALA A 253 17.15 0.71 -17.43
CA ALA A 253 15.85 1.08 -17.99
C ALA A 253 15.54 0.32 -19.27
N LEU A 254 16.57 -0.02 -20.04
CA LEU A 254 16.37 -0.85 -21.23
C LEU A 254 15.70 -2.17 -20.87
N LEU A 255 16.14 -2.79 -19.77
CA LEU A 255 15.60 -4.09 -19.38
C LEU A 255 14.17 -3.95 -18.88
N ALA A 256 13.88 -2.84 -18.15
CA ALA A 256 12.53 -2.60 -17.67
C ALA A 256 11.56 -2.35 -18.81
N GLU A 257 11.95 -1.51 -19.78
CA GLU A 257 11.08 -1.24 -20.92
C GLU A 257 10.85 -2.49 -21.75
N ALA A 258 11.90 -3.28 -21.98
CA ALA A 258 11.75 -4.54 -22.70
C ALA A 258 10.80 -5.48 -21.98
N ALA A 259 10.88 -5.52 -20.64
CA ALA A 259 9.99 -6.38 -19.87
C ALA A 259 8.53 -5.95 -20.00
N THR A 260 8.27 -4.64 -19.96
CA THR A 260 6.92 -4.14 -20.15
C THR A 260 6.36 -4.55 -21.51
N CYS A 261 7.18 -4.47 -22.55
CA CYS A 261 6.76 -4.96 -23.87
C CYS A 261 6.40 -6.45 -23.80
N VAL A 262 7.21 -7.24 -23.10
CA VAL A 262 6.91 -8.66 -22.95
C VAL A 262 5.62 -8.86 -22.16
N ALA A 263 5.43 -8.09 -21.08
CA ALA A 263 4.22 -8.22 -20.27
C ALA A 263 2.97 -7.93 -21.09
N GLY A 264 3.06 -7.00 -22.04
CA GLY A 264 1.91 -6.71 -22.88
C GLY A 264 1.47 -7.89 -23.72
N VAL A 265 2.43 -8.69 -24.20
CA VAL A 265 2.11 -9.85 -25.02
C VAL A 265 1.59 -11.00 -24.16
N LEU A 266 2.04 -11.09 -22.92
CA LEU A 266 1.61 -12.17 -22.03
C LEU A 266 0.31 -11.87 -21.29
N ALA A 267 -0.13 -10.62 -21.28
CA ALA A 267 -1.35 -10.25 -20.57
C ALA A 267 -2.59 -10.86 -21.22
N ASP B 3 2.36 4.27 34.91
CA ASP B 3 1.30 3.60 34.17
C ASP B 3 1.73 3.32 32.74
N LEU B 4 2.32 4.33 32.08
CA LEU B 4 2.91 4.10 30.77
C LEU B 4 4.25 3.37 30.90
N ALA B 5 5.03 3.69 31.94
CA ALA B 5 6.27 2.97 32.17
C ALA B 5 6.03 1.51 32.52
N ASP B 6 4.93 1.22 33.23
CA ASP B 6 4.59 -0.17 33.53
C ASP B 6 4.30 -0.97 32.26
N ARG B 7 3.70 -0.33 31.27
CA ARG B 7 3.39 -0.98 30.00
C ARG B 7 4.62 -1.08 29.10
N PHE B 8 5.53 -0.10 29.16
CA PHE B 8 6.81 -0.25 28.51
C PHE B 8 7.60 -1.42 29.10
N ALA B 9 7.58 -1.55 30.43
CA ALA B 9 8.27 -2.65 31.09
C ALA B 9 7.65 -4.00 30.73
N GLU B 10 6.32 -4.05 30.56
CA GLU B 10 5.69 -5.30 30.13
C GLU B 10 6.12 -5.69 28.72
N LEU B 11 6.23 -4.70 27.82
CA LEU B 11 6.74 -4.98 26.48
C LEU B 11 8.17 -5.51 26.55
N GLU B 12 8.99 -4.90 27.41
CA GLU B 12 10.36 -5.38 27.61
C GLU B 12 10.36 -6.85 28.01
N ARG B 13 9.41 -7.27 28.85
CA ARG B 13 9.33 -8.65 29.29
C ARG B 13 8.78 -9.57 28.20
N ARG B 14 7.75 -9.13 27.48
CA ARG B 14 7.17 -9.94 26.42
C ARG B 14 8.20 -10.30 25.35
N TYR B 15 9.00 -9.31 24.94
CA TYR B 15 9.89 -9.40 23.79
C TYR B 15 11.34 -9.66 24.16
N ASP B 16 11.66 -9.86 25.44
CA ASP B 16 13.02 -10.10 25.92
C ASP B 16 13.96 -9.00 25.41
N ALA B 17 13.58 -7.75 25.70
CA ALA B 17 14.25 -6.62 25.10
C ALA B 17 14.36 -5.49 26.10
N ARG B 18 15.30 -4.58 25.82
CA ARG B 18 15.43 -3.31 26.50
C ARG B 18 14.89 -2.22 25.58
N LEU B 19 13.96 -1.42 26.10
CA LEU B 19 13.21 -0.46 25.29
C LEU B 19 13.54 0.96 25.71
N GLY B 20 13.86 1.81 24.73
CA GLY B 20 14.06 3.21 24.97
C GLY B 20 13.09 4.06 24.17
N VAL B 21 12.37 4.96 24.83
CA VAL B 21 11.36 5.80 24.19
C VAL B 21 11.57 7.24 24.62
N TYR B 22 11.50 8.16 23.67
CA TYR B 22 11.48 9.57 24.01
C TYR B 22 10.60 10.33 23.03
N VAL B 23 9.70 11.13 23.57
CA VAL B 23 8.88 12.08 22.82
C VAL B 23 9.05 13.45 23.47
N PRO B 24 9.67 14.41 22.79
CA PRO B 24 9.82 15.75 23.38
C PRO B 24 8.49 16.36 23.76
N ALA B 25 8.50 17.13 24.83
CA ALA B 25 7.30 17.82 25.28
C ALA B 25 6.87 18.88 24.25
N THR B 26 5.57 19.10 24.18
CA THR B 26 4.99 20.16 23.37
C THR B 26 4.25 21.14 24.29
N GLY B 27 3.60 22.12 23.66
CA GLY B 27 2.80 23.06 24.44
C GLY B 27 1.64 22.40 25.16
N THR B 28 1.02 21.40 24.53
CA THR B 28 -0.13 20.71 25.09
C THR B 28 0.23 19.42 25.82
N THR B 29 1.30 18.75 25.41
CA THR B 29 1.64 17.43 25.93
C THR B 29 2.96 17.46 26.68
N ALA B 30 3.04 16.61 27.71
CA ALA B 30 4.27 16.43 28.47
C ALA B 30 5.18 15.41 27.80
N ALA B 31 6.47 15.49 28.15
CA ALA B 31 7.45 14.58 27.58
C ALA B 31 7.18 13.13 28.02
N ILE B 32 7.43 12.21 27.09
CA ILE B 32 7.37 10.77 27.37
C ILE B 32 8.80 10.25 27.38
N GLU B 33 9.19 9.62 28.49
CA GLU B 33 10.55 9.14 28.69
C GLU B 33 10.52 7.73 29.25
N TYR B 34 11.22 6.82 28.58
CA TYR B 34 11.46 5.48 29.10
C TYR B 34 12.87 5.07 28.66
N ARG B 35 13.76 4.96 29.64
CA ARG B 35 15.21 4.91 29.44
C ARG B 35 15.62 5.89 28.34
N ALA B 36 15.37 7.17 28.61
CA ALA B 36 15.53 8.21 27.62
C ALA B 36 16.99 8.61 27.47
N ASP B 37 17.78 8.46 28.54
CA ASP B 37 19.17 8.84 28.56
C ASP B 37 20.11 7.65 28.62
N GLU B 38 19.59 6.43 28.57
CA GLU B 38 20.43 5.26 28.37
C GLU B 38 20.91 5.21 26.92
N ARG B 39 22.09 4.65 26.73
CA ARG B 39 22.68 4.59 25.40
C ARG B 39 22.18 3.39 24.62
N PHE B 40 21.84 3.65 23.36
CA PHE B 40 21.51 2.61 22.39
C PHE B 40 22.34 2.84 21.14
N ALA B 41 22.63 1.76 20.43
CA ALA B 41 23.40 1.86 19.20
C ALA B 41 22.61 2.61 18.13
N PHE B 42 23.28 3.57 17.48
CA PHE B 42 22.71 4.26 16.31
C PHE B 42 22.13 3.28 15.31
N CYS B 43 22.93 2.29 14.90
CA CYS B 43 22.71 1.59 13.65
C CYS B 43 22.48 2.62 12.54
N SER B 44 21.56 2.36 11.62
CA SER B 44 21.43 3.23 10.46
C SER B 44 20.62 4.50 10.73
N THR B 45 20.23 4.77 11.98
CA THR B 45 19.50 6.00 12.27
C THR B 45 20.36 7.23 12.06
N PHE B 46 21.68 7.09 12.11
CA PHE B 46 22.57 8.23 11.90
C PHE B 46 22.51 8.76 10.48
N LYS B 47 22.01 7.96 9.54
CA LYS B 47 21.97 8.39 8.14
C LYS B 47 21.05 9.58 7.92
N ALA B 48 20.05 9.79 8.80
CA ALA B 48 19.20 10.96 8.63
C ALA B 48 19.91 12.24 9.03
N PRO B 49 20.53 12.37 10.21
CA PRO B 49 21.35 13.56 10.46
C PRO B 49 22.59 13.63 9.59
N LEU B 50 23.09 12.50 9.09
CA LEU B 50 24.22 12.52 8.16
C LEU B 50 23.87 13.32 6.90
N VAL B 51 22.71 13.02 6.32
CA VAL B 51 22.24 13.78 5.16
C VAL B 51 22.04 15.24 5.51
N ALA B 52 21.56 15.51 6.73
CA ALA B 52 21.40 16.90 7.17
C ALA B 52 22.75 17.62 7.24
N ALA B 53 23.78 16.92 7.70
CA ALA B 53 25.12 17.52 7.72
C ALA B 53 25.60 17.85 6.32
N VAL B 54 25.36 16.96 5.36
CA VAL B 54 25.78 17.21 3.98
C VAL B 54 24.97 18.35 3.37
N LEU B 55 23.67 18.39 3.65
CA LEU B 55 22.83 19.47 3.13
C LEU B 55 23.20 20.81 3.75
N HIS B 56 23.47 20.81 5.06
CA HIS B 56 23.73 22.06 5.77
C HIS B 56 25.06 22.67 5.38
N GLN B 57 26.04 21.83 5.03
CA GLN B 57 27.40 22.26 4.77
C GLN B 57 27.63 22.64 3.31
N ASN B 58 26.65 22.41 2.44
CA ASN B 58 26.81 22.61 1.00
C ASN B 58 25.58 23.25 0.41
N PRO B 59 25.72 24.00 -0.67
CA PRO B 59 24.54 24.47 -1.41
C PRO B 59 23.84 23.31 -2.10
N LEU B 60 22.57 23.56 -2.47
CA LEU B 60 21.76 22.53 -3.12
C LEU B 60 22.42 21.98 -4.38
N THR B 61 23.13 22.82 -5.13
CA THR B 61 23.79 22.39 -6.36
C THR B 61 24.85 21.32 -6.10
N HIS B 62 25.35 21.20 -4.88
CA HIS B 62 26.28 20.13 -4.55
C HIS B 62 25.67 18.75 -4.71
N LEU B 63 24.34 18.64 -4.66
CA LEU B 63 23.67 17.36 -4.83
C LEU B 63 23.92 16.74 -6.20
N ASP B 64 24.21 17.57 -7.21
CA ASP B 64 24.39 17.10 -8.57
C ASP B 64 25.82 16.65 -8.86
N LYS B 65 26.72 16.75 -7.90
CA LYS B 65 28.08 16.27 -8.09
C LYS B 65 28.08 14.75 -8.21
N LEU B 66 28.78 14.24 -9.23
CA LEU B 66 28.85 12.81 -9.46
C LEU B 66 29.97 12.20 -8.64
N ILE B 67 29.65 11.13 -7.90
CA ILE B 67 30.62 10.40 -7.10
C ILE B 67 30.86 9.04 -7.75
N THR B 68 32.12 8.73 -8.02
CA THR B 68 32.50 7.42 -8.55
C THR B 68 33.17 6.62 -7.45
N TYR B 69 32.94 5.30 -7.49
CA TYR B 69 33.46 4.39 -6.49
C TYR B 69 33.72 3.05 -7.16
N THR B 70 34.37 2.15 -6.41
CA THR B 70 34.81 0.85 -6.91
C THR B 70 34.07 -0.29 -6.20
N SER B 71 34.32 -1.50 -6.69
CA SER B 71 33.72 -2.69 -6.07
C SER B 71 34.20 -2.90 -4.64
N ASP B 72 35.41 -2.43 -4.32
CA ASP B 72 35.92 -2.55 -2.96
C ASP B 72 35.15 -1.68 -1.98
N ASP B 73 34.46 -0.65 -2.47
CA ASP B 73 33.69 0.23 -1.59
C ASP B 73 32.38 -0.39 -1.15
N ILE B 74 31.96 -1.49 -1.77
CA ILE B 74 30.72 -2.17 -1.39
C ILE B 74 31.10 -3.14 -0.26
N ARG B 75 31.13 -2.60 0.96
CA ARG B 75 31.46 -3.33 2.18
C ARG B 75 30.22 -3.74 2.96
N SER B 76 29.04 -3.33 2.51
CA SER B 76 27.85 -3.39 3.33
C SER B 76 26.62 -3.62 2.46
N ILE B 77 25.49 -3.83 3.11
CA ILE B 77 24.21 -3.92 2.42
C ILE B 77 23.98 -2.61 1.69
N SER B 78 24.03 -2.64 0.36
CA SER B 78 23.95 -1.43 -0.47
C SER B 78 23.02 -1.71 -1.63
N PRO B 79 21.70 -1.70 -1.39
CA PRO B 79 20.77 -2.12 -2.45
C PRO B 79 20.79 -1.23 -3.68
N VAL B 80 21.16 0.04 -3.55
CA VAL B 80 21.22 0.96 -4.68
C VAL B 80 22.65 1.11 -5.20
N ALA B 81 23.61 1.34 -4.30
CA ALA B 81 24.99 1.61 -4.71
C ALA B 81 25.62 0.42 -5.44
N GLN B 82 25.20 -0.80 -5.09
CA GLN B 82 25.76 -1.99 -5.72
C GLN B 82 25.43 -2.07 -7.20
N GLN B 83 24.39 -1.38 -7.66
CA GLN B 83 23.99 -1.38 -9.06
C GLN B 83 24.52 -0.18 -9.83
N HIS B 84 25.41 0.61 -9.23
CA HIS B 84 25.86 1.84 -9.87
C HIS B 84 27.38 2.03 -9.79
N VAL B 85 28.13 0.92 -9.69
CA VAL B 85 29.59 1.01 -9.70
C VAL B 85 30.08 1.66 -10.99
N GLN B 86 29.53 1.24 -12.14
CA GLN B 86 29.95 1.80 -13.43
C GLN B 86 29.36 3.18 -13.70
N THR B 87 28.17 3.48 -13.21
CA THR B 87 27.55 4.74 -13.56
C THR B 87 27.98 5.88 -12.65
N GLY B 88 28.37 5.56 -11.43
CA GLY B 88 28.52 6.56 -10.39
C GLY B 88 27.16 6.97 -9.85
N MET B 89 27.20 7.76 -8.79
CA MET B 89 25.99 8.24 -8.14
C MET B 89 26.21 9.68 -7.69
N THR B 90 25.20 10.51 -7.90
CA THR B 90 25.27 11.88 -7.40
C THR B 90 25.11 11.91 -5.89
N ILE B 91 25.57 13.01 -5.29
CA ILE B 91 25.37 13.22 -3.85
C ILE B 91 23.89 13.15 -3.52
N GLY B 92 23.04 13.75 -4.37
CA GLY B 92 21.60 13.68 -4.16
C GLY B 92 21.08 12.25 -4.15
N GLN B 93 21.56 11.42 -5.09
CA GLN B 93 21.15 10.03 -5.13
C GLN B 93 21.66 9.26 -3.91
N LEU B 94 22.88 9.57 -3.46
CA LEU B 94 23.41 8.91 -2.27
C LEU B 94 22.60 9.26 -1.04
N CYS B 95 22.18 10.53 -0.93
CA CYS B 95 21.32 10.93 0.18
C CYS B 95 20.00 10.18 0.13
N ASP B 96 19.37 10.14 -1.04
CA ASP B 96 18.14 9.36 -1.23
C ASP B 96 18.34 7.91 -0.82
N ALA B 97 19.44 7.30 -1.27
CA ALA B 97 19.67 5.88 -1.01
C ALA B 97 19.94 5.63 0.47
N ALA B 98 20.67 6.52 1.14
CA ALA B 98 21.03 6.31 2.54
C ALA B 98 19.81 6.30 3.44
N ILE B 99 18.82 7.14 3.15
CA ILE B 99 17.64 7.25 3.99
C ILE B 99 16.58 6.23 3.62
N ARG B 100 16.22 6.16 2.33
CA ARG B 100 15.05 5.38 1.93
C ARG B 100 15.36 3.89 1.80
N TYR B 101 16.58 3.53 1.41
CA TYR B 101 16.98 2.14 1.32
C TYR B 101 18.05 1.76 2.33
N SER B 102 18.45 2.69 3.20
CA SER B 102 19.44 2.43 4.23
C SER B 102 20.75 1.90 3.63
N ASP B 103 21.08 2.41 2.45
CA ASP B 103 22.26 1.94 1.72
C ASP B 103 23.53 2.26 2.51
N GLY B 104 24.30 1.20 2.81
CA GLY B 104 25.49 1.38 3.64
C GLY B 104 26.63 2.07 2.90
N THR B 105 26.86 1.69 1.64
CA THR B 105 27.93 2.33 0.87
C THR B 105 27.63 3.81 0.66
N ALA B 106 26.35 4.15 0.46
CA ALA B 106 25.98 5.55 0.28
C ALA B 106 26.31 6.39 1.51
N ALA B 107 26.10 5.83 2.72
CA ALA B 107 26.42 6.57 3.93
C ALA B 107 27.92 6.78 4.06
N ASN B 108 28.73 5.77 3.70
CA ASN B 108 30.18 5.92 3.74
C ASN B 108 30.65 6.98 2.75
N LEU B 109 30.04 7.02 1.56
CA LEU B 109 30.42 8.03 0.58
C LEU B 109 30.01 9.43 1.02
N LEU B 110 28.88 9.56 1.72
CA LEU B 110 28.48 10.86 2.25
C LEU B 110 29.37 11.28 3.42
N LEU B 111 29.78 10.32 4.24
CA LEU B 111 30.73 10.61 5.30
C LEU B 111 32.04 11.14 4.73
N ALA B 112 32.53 10.51 3.65
CA ALA B 112 33.73 11.01 3.00
C ALA B 112 33.52 12.43 2.46
N ASP B 113 32.32 12.75 2.00
CA ASP B 113 32.03 14.09 1.52
C ASP B 113 32.09 15.12 2.65
N LEU B 114 31.80 14.71 3.88
CA LEU B 114 31.98 15.61 5.01
C LEU B 114 33.45 15.87 5.31
N GLY B 115 34.31 14.86 5.10
CA GLY B 115 35.74 15.06 5.24
C GLY B 115 36.19 14.94 6.67
N GLY B 116 37.51 15.00 6.84
CA GLY B 116 38.11 15.00 8.16
C GLY B 116 38.53 13.62 8.63
N PRO B 117 38.95 13.52 9.89
CA PRO B 117 39.45 12.25 10.42
C PRO B 117 38.36 11.19 10.48
N GLY B 118 38.79 9.94 10.41
CA GLY B 118 37.87 8.82 10.49
C GLY B 118 36.89 8.72 9.34
N GLY B 119 37.24 9.27 8.18
CA GLY B 119 36.36 9.19 7.04
C GLY B 119 35.07 9.97 7.17
N GLY B 120 35.03 10.98 8.03
CA GLY B 120 33.84 11.78 8.25
C GLY B 120 33.15 11.53 9.58
N THR B 121 33.58 10.53 10.34
CA THR B 121 32.91 10.22 11.60
C THR B 121 33.09 11.34 12.62
N ALA B 122 34.28 11.96 12.63
CA ALA B 122 34.50 13.10 13.51
C ALA B 122 33.71 14.32 13.06
N ALA B 123 33.62 14.54 11.76
CA ALA B 123 32.88 15.70 11.25
C ALA B 123 31.38 15.53 11.47
N PHE B 124 30.87 14.30 11.30
CA PHE B 124 29.45 14.06 11.57
C PHE B 124 29.15 14.24 13.05
N THR B 125 30.00 13.70 13.93
CA THR B 125 29.83 13.93 15.36
C THR B 125 29.91 15.41 15.70
N GLY B 126 30.85 16.13 15.08
CA GLY B 126 30.93 17.56 15.28
C GLY B 126 29.64 18.28 14.89
N TYR B 127 28.97 17.79 13.84
CA TYR B 127 27.70 18.40 13.44
C TYR B 127 26.64 18.21 14.51
N LEU B 128 26.58 17.03 15.13
CA LEU B 128 25.68 16.81 16.24
C LEU B 128 25.99 17.73 17.41
N ARG B 129 27.27 17.97 17.68
CA ARG B 129 27.64 18.89 18.74
C ARG B 129 27.10 20.29 18.48
N SER B 130 27.20 20.76 17.23
CA SER B 130 26.65 22.05 16.85
C SER B 130 25.14 22.13 17.07
N LEU B 131 24.45 21.00 17.13
CA LEU B 131 23.02 20.96 17.37
C LEU B 131 22.68 20.86 18.85
N GLY B 132 23.67 20.81 19.73
CA GLY B 132 23.45 20.65 21.16
C GLY B 132 23.55 19.23 21.68
N ASP B 133 23.77 18.25 20.80
CA ASP B 133 23.87 16.86 21.21
C ASP B 133 25.29 16.60 21.71
N THR B 134 25.43 16.48 23.02
CA THR B 134 26.72 16.22 23.66
C THR B 134 26.92 14.75 23.99
N VAL B 135 25.91 13.91 23.76
CA VAL B 135 25.94 12.52 24.17
C VAL B 135 26.34 11.61 23.01
N SER B 136 25.81 11.87 21.82
CA SER B 136 25.96 10.94 20.72
C SER B 136 27.38 11.00 20.15
N ARG B 137 27.78 9.90 19.54
CA ARG B 137 29.10 9.79 18.94
C ARG B 137 29.06 8.75 17.84
N LEU B 138 29.70 9.06 16.72
CA LEU B 138 29.92 8.09 15.65
C LEU B 138 31.41 7.83 15.55
N ASP B 139 31.78 6.55 15.58
CA ASP B 139 33.19 6.16 15.63
C ASP B 139 33.62 5.26 14.48
N ALA B 140 32.71 4.55 13.83
CA ALA B 140 33.05 3.65 12.74
C ALA B 140 32.14 3.92 11.55
N GLU B 141 32.49 3.31 10.42
CA GLU B 141 31.69 3.38 9.21
C GLU B 141 30.82 2.13 9.10
N GLU B 142 30.05 2.06 8.02
CA GLU B 142 29.35 0.83 7.71
C GLU B 142 30.34 -0.24 7.27
N PRO B 143 30.17 -1.50 7.71
CA PRO B 143 29.10 -1.97 8.59
C PRO B 143 29.50 -2.11 10.06
N GLU B 144 30.68 -1.61 10.42
CA GLU B 144 31.22 -1.85 11.75
C GLU B 144 30.35 -1.23 12.83
N LEU B 145 29.77 -0.05 12.57
CA LEU B 145 29.04 0.68 13.61
C LEU B 145 27.83 -0.08 14.12
N ASN B 146 27.39 -1.13 13.43
CA ASN B 146 26.30 -1.98 13.91
C ASN B 146 26.77 -3.13 14.79
N ARG B 147 28.07 -3.32 14.95
CA ARG B 147 28.63 -4.52 15.55
C ARG B 147 29.21 -4.32 16.93
N ASP B 148 29.23 -3.09 17.45
CA ASP B 148 29.81 -2.85 18.76
C ASP B 148 29.08 -3.67 19.82
N PRO B 149 29.79 -4.29 20.74
CA PRO B 149 29.14 -5.09 21.78
C PRO B 149 28.37 -4.20 22.74
N PRO B 150 27.39 -4.76 23.44
CA PRO B 150 26.68 -3.97 24.46
C PRO B 150 27.65 -3.46 25.51
N GLY B 151 27.33 -2.29 26.07
CA GLY B 151 28.20 -1.63 27.01
C GLY B 151 29.23 -0.73 26.38
N ASP B 152 29.58 -0.93 25.12
CA ASP B 152 30.47 -0.04 24.42
C ASP B 152 29.72 1.22 24.03
N GLU B 153 30.25 2.38 24.42
CA GLU B 153 29.61 3.66 24.15
C GLU B 153 29.80 4.12 22.71
N ARG B 154 30.66 3.46 21.93
CA ARG B 154 30.92 3.90 20.57
C ARG B 154 29.71 3.66 19.67
N ASP B 155 29.48 4.60 18.76
CA ASP B 155 28.39 4.52 17.78
C ASP B 155 27.04 4.42 18.47
N THR B 156 26.90 5.12 19.60
CA THR B 156 25.69 5.11 20.39
C THR B 156 25.10 6.51 20.50
N THR B 157 23.79 6.56 20.73
CA THR B 157 23.06 7.78 21.04
C THR B 157 22.06 7.45 22.14
N THR B 158 21.18 8.39 22.45
CA THR B 158 20.08 8.14 23.35
C THR B 158 18.78 8.56 22.68
N PRO B 159 17.65 7.97 23.08
CA PRO B 159 16.36 8.45 22.56
C PRO B 159 16.17 9.94 22.77
N HIS B 160 16.60 10.46 23.92
CA HIS B 160 16.50 11.89 24.18
C HIS B 160 17.29 12.71 23.16
N ALA B 161 18.56 12.37 22.97
CA ALA B 161 19.43 13.19 22.11
C ALA B 161 19.02 13.09 20.65
N ILE B 162 18.73 11.88 20.17
CA ILE B 162 18.41 11.72 18.75
C ILE B 162 17.06 12.33 18.45
N ALA B 163 16.13 12.33 19.41
CA ALA B 163 14.85 12.99 19.21
C ALA B 163 15.01 14.50 19.10
N LEU B 164 15.84 15.08 19.97
CA LEU B 164 16.06 16.53 19.91
C LEU B 164 16.81 16.92 18.65
N VAL B 165 17.71 16.06 18.16
CA VAL B 165 18.36 16.32 16.88
C VAL B 165 17.32 16.31 15.76
N LEU B 166 16.51 15.26 15.69
CA LEU B 166 15.50 15.15 14.64
C LEU B 166 14.49 16.30 14.71
N GLN B 167 14.14 16.73 15.92
CA GLN B 167 13.19 17.84 16.06
C GLN B 167 13.72 19.11 15.42
N GLN B 168 14.99 19.44 15.66
CA GLN B 168 15.57 20.64 15.07
C GLN B 168 15.68 20.56 13.56
N LEU B 169 15.93 19.36 13.02
CA LEU B 169 16.15 19.21 11.60
C LEU B 169 14.85 19.32 10.82
N VAL B 170 13.77 18.75 11.35
CA VAL B 170 12.49 18.67 10.64
C VAL B 170 11.54 19.78 11.08
N LEU B 171 11.44 20.03 12.39
CA LEU B 171 10.49 21.01 12.90
C LEU B 171 11.11 22.37 13.18
N GLY B 172 12.41 22.42 13.44
CA GLY B 172 13.11 23.66 13.74
C GLY B 172 13.74 24.27 12.50
N ASN B 173 14.78 25.06 12.72
CA ASN B 173 15.45 25.80 11.66
C ASN B 173 16.93 25.46 11.58
N ALA B 174 17.29 24.21 11.88
CA ALA B 174 18.66 23.76 11.67
C ALA B 174 19.04 23.83 10.20
N LEU B 175 18.07 23.59 9.31
CA LEU B 175 18.24 23.64 7.87
C LEU B 175 17.33 24.71 7.27
N PRO B 176 17.76 25.41 6.24
CA PRO B 176 16.86 26.30 5.51
C PRO B 176 15.69 25.53 4.91
N PRO B 177 14.57 26.20 4.62
CA PRO B 177 13.36 25.46 4.23
C PRO B 177 13.52 24.56 3.02
N ASP B 178 14.31 24.98 2.03
CA ASP B 178 14.46 24.18 0.82
C ASP B 178 15.18 22.88 1.11
N LYS B 179 16.26 22.93 1.90
CA LYS B 179 16.97 21.71 2.28
C LYS B 179 16.15 20.89 3.26
N ARG B 180 15.42 21.55 4.16
CA ARG B 180 14.56 20.84 5.11
C ARG B 180 13.54 19.97 4.39
N ALA B 181 12.98 20.49 3.29
CA ALA B 181 11.94 19.76 2.57
C ALA B 181 12.51 18.49 1.92
N LEU B 182 13.75 18.57 1.43
CA LEU B 182 14.37 17.39 0.84
C LEU B 182 14.55 16.29 1.88
N LEU B 183 15.13 16.65 3.04
CA LEU B 183 15.28 15.68 4.13
C LEU B 183 13.93 15.10 4.55
N THR B 184 12.92 15.95 4.67
CA THR B 184 11.59 15.48 5.08
C THR B 184 10.99 14.54 4.04
N ASP B 185 11.13 14.88 2.77
CA ASP B 185 10.53 14.07 1.71
C ASP B 185 11.19 12.69 1.61
N TRP B 186 12.51 12.65 1.76
CA TRP B 186 13.21 11.36 1.75
C TRP B 186 12.74 10.47 2.89
N MET B 187 12.69 11.00 4.11
CA MET B 187 12.17 10.22 5.23
C MET B 187 10.71 9.86 5.05
N ALA B 188 9.93 10.74 4.40
CA ALA B 188 8.51 10.45 4.18
C ALA B 188 8.32 9.29 3.22
N ARG B 189 9.23 9.13 2.25
CA ARG B 189 9.15 8.08 1.26
C ARG B 189 10.10 6.93 1.58
N ASN B 190 10.43 6.77 2.86
CA ASN B 190 11.27 5.67 3.29
C ASN B 190 10.55 4.36 3.09
N THR B 191 11.31 3.32 2.72
CA THR B 191 10.76 2.02 2.37
C THR B 191 11.04 0.95 3.43
N THR B 192 11.59 1.34 4.58
CA THR B 192 12.07 0.38 5.57
C THR B 192 11.31 0.40 6.89
N GLY B 193 10.38 1.34 7.10
CA GLY B 193 9.78 1.52 8.41
C GLY B 193 8.32 1.18 8.55
N ALA B 194 7.78 0.39 7.61
CA ALA B 194 6.35 0.10 7.60
C ALA B 194 5.93 -0.73 8.82
N LYS B 195 6.84 -1.50 9.39
CA LYS B 195 6.51 -2.46 10.44
C LYS B 195 6.80 -1.92 11.83
N ARG B 196 7.16 -0.64 11.96
CA ARG B 196 7.63 -0.11 13.23
C ARG B 196 6.66 0.99 13.68
N ILE B 197 7.14 2.23 13.84
CA ILE B 197 6.30 3.31 14.35
C ILE B 197 5.09 3.52 13.45
N ARG B 198 5.29 3.42 12.13
CA ARG B 198 4.19 3.57 11.20
C ARG B 198 3.09 2.55 11.47
N ALA B 199 3.48 1.32 11.84
CA ALA B 199 2.51 0.27 12.09
C ALA B 199 1.77 0.46 13.41
N GLY B 200 2.30 1.27 14.32
CA GLY B 200 1.69 1.45 15.62
C GLY B 200 0.77 2.66 15.71
N PHE B 201 0.83 3.51 14.72
CA PHE B 201 -0.01 4.70 14.68
C PHE B 201 -1.17 4.49 13.71
N PRO B 202 -2.32 5.10 14.00
CA PRO B 202 -3.46 5.02 13.07
C PRO B 202 -3.06 5.57 11.70
N ALA B 203 -3.74 5.06 10.67
CA ALA B 203 -3.36 5.39 9.30
C ALA B 203 -3.49 6.88 8.99
N ASP B 204 -4.40 7.57 9.68
CA ASP B 204 -4.59 8.99 9.40
C ASP B 204 -3.54 9.87 10.07
N TRP B 205 -2.61 9.29 10.81
CA TRP B 205 -1.43 9.99 11.28
C TRP B 205 -0.34 9.89 10.22
N LYS B 206 0.23 11.03 9.84
CA LYS B 206 1.37 11.03 8.95
C LYS B 206 2.64 10.70 9.74
N VAL B 207 3.48 9.84 9.17
CA VAL B 207 4.70 9.37 9.81
C VAL B 207 5.83 9.44 8.78
N ILE B 208 6.90 10.15 9.13
CA ILE B 208 8.16 10.07 8.39
C ILE B 208 9.19 9.49 9.34
N ASP B 209 10.05 8.61 8.85
CA ASP B 209 10.93 7.90 9.77
C ASP B 209 12.22 7.49 9.08
N LYS B 210 13.19 7.14 9.93
CA LYS B 210 14.44 6.49 9.53
C LYS B 210 14.70 5.32 10.48
N THR B 211 14.88 4.14 9.91
CA THR B 211 15.05 2.93 10.71
C THR B 211 16.51 2.69 11.04
N GLY B 212 16.70 1.80 12.01
CA GLY B 212 18.00 1.26 12.33
C GLY B 212 17.86 -0.18 12.76
N THR B 213 18.71 -1.06 12.25
CA THR B 213 18.67 -2.47 12.59
C THR B 213 20.09 -3.01 12.64
N GLY B 214 20.37 -3.82 13.67
CA GLY B 214 21.70 -4.38 13.80
C GLY B 214 21.72 -5.70 14.54
N ASP B 215 22.92 -6.15 14.91
CA ASP B 215 23.07 -7.35 15.72
C ASP B 215 22.64 -7.06 17.15
N TYR B 216 22.66 -8.11 17.99
CA TYR B 216 22.22 -8.04 19.37
C TYR B 216 20.76 -7.60 19.48
N GLY B 217 19.94 -8.00 18.50
CA GLY B 217 18.53 -7.67 18.52
C GLY B 217 18.23 -6.20 18.39
N ARG B 218 19.13 -5.42 17.81
CA ARG B 218 18.96 -3.97 17.74
C ARG B 218 17.94 -3.61 16.67
N ALA B 219 16.91 -2.85 17.09
CA ALA B 219 15.90 -2.37 16.16
C ALA B 219 15.46 -0.99 16.65
N ASN B 220 15.74 0.04 15.86
CA ASN B 220 15.39 1.40 16.19
C ASN B 220 14.47 1.99 15.12
N ASP B 221 13.74 3.04 15.50
CA ASP B 221 12.98 3.83 14.56
C ASP B 221 12.82 5.22 15.15
N ILE B 222 13.29 6.23 14.43
CA ILE B 222 13.10 7.64 14.82
C ILE B 222 12.16 8.27 13.80
N ALA B 223 11.15 8.99 14.29
CA ALA B 223 10.08 9.47 13.43
C ALA B 223 9.62 10.85 13.87
N VAL B 224 9.09 11.60 12.91
CA VAL B 224 8.22 12.74 13.16
C VAL B 224 6.83 12.36 12.69
N VAL B 225 5.85 12.52 13.56
CA VAL B 225 4.48 12.15 13.26
C VAL B 225 3.58 13.37 13.38
N TRP B 226 2.57 13.44 12.52
CA TRP B 226 1.59 14.52 12.52
C TRP B 226 0.22 13.92 12.82
N SER B 227 -0.47 14.51 13.80
CA SER B 227 -1.81 14.10 14.14
C SER B 227 -2.77 14.40 12.97
N PRO B 228 -3.97 13.82 12.99
CA PRO B 228 -4.96 14.20 11.96
C PRO B 228 -5.24 15.70 11.94
N THR B 229 -5.07 16.38 13.08
CA THR B 229 -5.22 17.83 13.15
C THR B 229 -3.95 18.57 12.74
N GLY B 230 -2.91 17.85 12.31
CA GLY B 230 -1.70 18.49 11.86
C GLY B 230 -0.71 18.82 12.94
N VAL B 231 -0.86 18.27 14.12
CA VAL B 231 0.03 18.56 15.25
C VAL B 231 1.23 17.63 15.16
N PRO B 232 2.45 18.15 15.12
CA PRO B 232 3.63 17.28 14.98
C PRO B 232 4.21 16.86 16.32
N TYR B 233 4.71 15.62 16.33
CA TYR B 233 5.41 15.08 17.48
C TYR B 233 6.64 14.33 16.99
N VAL B 234 7.69 14.35 17.80
CA VAL B 234 8.91 13.61 17.54
C VAL B 234 8.88 12.34 18.39
N VAL B 235 9.10 11.19 17.75
CA VAL B 235 9.06 9.90 18.44
C VAL B 235 10.36 9.17 18.15
N ALA B 236 11.13 8.90 19.20
CA ALA B 236 12.33 8.08 19.11
C ALA B 236 12.09 6.81 19.93
N VAL B 237 12.20 5.67 19.28
CA VAL B 237 12.04 4.37 19.93
C VAL B 237 13.25 3.53 19.57
N MET B 238 14.00 3.10 20.58
CA MET B 238 15.21 2.32 20.39
C MET B 238 15.14 1.06 21.25
N SER B 239 15.71 -0.03 20.75
CA SER B 239 15.64 -1.29 21.47
C SER B 239 16.80 -2.18 21.05
N ASP B 240 17.20 -3.08 21.95
CA ASP B 240 18.08 -4.18 21.61
C ASP B 240 17.73 -5.38 22.48
N ARG B 241 18.23 -6.54 22.07
CA ARG B 241 18.07 -7.79 22.79
C ARG B 241 19.45 -8.38 23.05
N ALA B 242 20.33 -7.53 23.62
CA ALA B 242 21.75 -7.84 23.71
C ALA B 242 22.03 -9.08 24.57
N GLY B 243 21.19 -9.33 25.59
CA GLY B 243 21.35 -10.52 26.40
C GLY B 243 21.26 -11.82 25.62
N GLY B 244 20.60 -11.79 24.46
CA GLY B 244 20.49 -12.92 23.58
C GLY B 244 21.65 -13.10 22.63
N GLY B 245 22.69 -12.28 22.76
CA GLY B 245 23.89 -12.43 21.96
C GLY B 245 23.87 -11.70 20.65
N TYR B 246 24.98 -11.85 19.92
CA TYR B 246 25.16 -11.23 18.62
C TYR B 246 24.04 -11.59 17.65
N ASP B 247 23.62 -12.85 17.66
CA ASP B 247 22.65 -13.37 16.70
C ASP B 247 21.20 -13.14 17.13
N ALA B 248 20.98 -12.40 18.21
CA ALA B 248 19.62 -12.13 18.66
C ALA B 248 18.81 -11.46 17.55
N GLU B 249 17.58 -11.92 17.38
CA GLU B 249 16.73 -11.42 16.32
C GLU B 249 16.04 -10.13 16.78
N PRO B 250 16.05 -9.07 15.97
CA PRO B 250 15.27 -7.89 16.32
C PRO B 250 13.78 -8.16 16.25
N ARG B 251 13.02 -7.45 17.08
CA ARG B 251 11.57 -7.57 17.14
C ARG B 251 10.95 -6.25 16.70
N GLU B 252 10.51 -6.18 15.45
CA GLU B 252 9.86 -4.97 14.95
C GLU B 252 8.53 -4.72 15.67
N ALA B 253 7.82 -5.79 16.03
CA ALA B 253 6.53 -5.63 16.70
C ALA B 253 6.66 -4.88 18.00
N LEU B 254 7.81 -5.01 18.68
CA LEU B 254 8.06 -4.23 19.89
C LEU B 254 7.95 -2.74 19.59
N LEU B 255 8.51 -2.29 18.46
CA LEU B 255 8.48 -0.87 18.13
C LEU B 255 7.06 -0.43 17.75
N ALA B 256 6.32 -1.29 17.06
CA ALA B 256 4.94 -0.97 16.70
C ALA B 256 4.06 -0.86 17.92
N GLU B 257 4.18 -1.84 18.83
CA GLU B 257 3.38 -1.83 20.04
C GLU B 257 3.73 -0.65 20.93
N ALA B 258 5.02 -0.36 21.09
CA ALA B 258 5.43 0.83 21.84
C ALA B 258 4.89 2.11 21.23
N ALA B 259 4.87 2.18 19.89
CA ALA B 259 4.32 3.35 19.23
C ALA B 259 2.83 3.49 19.50
N THR B 260 2.10 2.36 19.49
CA THR B 260 0.67 2.39 19.82
C THR B 260 0.44 2.94 21.22
N CYS B 261 1.28 2.55 22.19
CA CYS B 261 1.17 3.12 23.53
C CYS B 261 1.38 4.63 23.51
N VAL B 262 2.37 5.11 22.76
CA VAL B 262 2.62 6.55 22.67
C VAL B 262 1.44 7.25 22.00
N ALA B 263 0.89 6.64 20.94
CA ALA B 263 -0.23 7.26 20.24
C ALA B 263 -1.43 7.48 21.16
N GLY B 264 -1.67 6.56 22.09
CA GLY B 264 -2.78 6.71 23.02
C GLY B 264 -2.64 7.91 23.94
N VAL B 265 -1.41 8.22 24.35
CA VAL B 265 -1.17 9.38 25.21
C VAL B 265 -1.24 10.66 24.40
N LEU B 266 -0.89 10.58 23.11
CA LEU B 266 -0.91 11.77 22.27
C LEU B 266 -2.29 12.03 21.67
N ALA B 267 -3.19 11.06 21.71
CA ALA B 267 -4.52 11.22 21.12
C ALA B 267 -5.36 12.25 21.87
N ASP C 3 -6.32 8.45 35.44
CA ASP C 3 -5.40 7.73 34.57
C ASP C 3 -5.85 7.80 33.09
N LEU C 4 -6.39 6.68 32.58
CA LEU C 4 -7.12 6.71 31.30
C LEU C 4 -8.37 7.57 31.37
N ALA C 5 -9.05 7.61 32.52
CA ALA C 5 -10.24 8.43 32.66
C ALA C 5 -9.92 9.92 32.53
N ASP C 6 -8.74 10.33 32.99
CA ASP C 6 -8.33 11.72 32.83
C ASP C 6 -8.24 12.12 31.35
N ARG C 7 -7.85 11.19 30.48
CA ARG C 7 -7.74 11.54 29.07
C ARG C 7 -9.10 11.53 28.37
N PHE C 8 -9.99 10.62 28.76
CA PHE C 8 -11.35 10.64 28.24
C PHE C 8 -12.05 11.94 28.62
N ALA C 9 -11.89 12.38 29.87
CA ALA C 9 -12.47 13.65 30.30
C ALA C 9 -11.83 14.82 29.57
N GLU C 10 -10.56 14.67 29.17
CA GLU C 10 -9.94 15.66 28.31
C GLU C 10 -10.65 15.74 26.97
N LEU C 11 -10.94 14.58 26.38
CA LEU C 11 -11.68 14.55 25.12
C LEU C 11 -13.08 15.13 25.29
N GLU C 12 -13.75 14.81 26.40
CA GLU C 12 -15.06 15.39 26.69
C GLU C 12 -15.00 16.91 26.67
N ARG C 13 -13.90 17.49 27.18
CA ARG C 13 -13.76 18.94 27.18
C ARG C 13 -13.44 19.48 25.79
N ARG C 14 -12.54 18.80 25.07
CA ARG C 14 -12.17 19.24 23.72
C ARG C 14 -13.38 19.28 22.80
N TYR C 15 -14.20 18.23 22.83
CA TYR C 15 -15.30 18.09 21.89
C TYR C 15 -16.64 18.50 22.49
N ASP C 16 -16.65 18.99 23.73
CA ASP C 16 -17.86 19.41 24.43
C ASP C 16 -18.92 18.30 24.38
N ALA C 17 -18.54 17.14 24.89
CA ALA C 17 -19.33 15.93 24.72
C ALA C 17 -19.31 15.09 25.98
N ARG C 18 -20.28 14.18 26.06
CA ARG C 18 -20.31 13.14 27.08
C ARG C 18 -19.93 11.83 26.41
N LEU C 19 -18.89 11.17 26.93
CA LEU C 19 -18.29 10.01 26.27
C LEU C 19 -18.48 8.77 27.15
N GLY C 20 -18.96 7.70 26.55
CA GLY C 20 -19.09 6.42 27.24
C GLY C 20 -18.26 5.34 26.58
N VAL C 21 -17.42 4.67 27.37
CA VAL C 21 -16.50 3.65 26.86
C VAL C 21 -16.60 2.41 27.73
N TYR C 22 -16.63 1.24 27.10
CA TYR C 22 -16.50 -0.01 27.83
C TYR C 22 -15.73 -1.01 27.00
N VAL C 23 -14.72 -1.61 27.61
CA VAL C 23 -13.98 -2.73 27.02
C VAL C 23 -14.03 -3.87 28.03
N PRO C 24 -14.73 -4.96 27.73
CA PRO C 24 -14.79 -6.08 28.68
C PRO C 24 -13.41 -6.60 29.01
N ALA C 25 -13.24 -7.04 30.25
CA ALA C 25 -11.98 -7.62 30.67
C ALA C 25 -11.73 -8.95 29.96
N THR C 26 -10.46 -9.24 29.71
CA THR C 26 -10.04 -10.52 29.16
C THR C 26 -9.11 -11.19 30.17
N GLY C 27 -8.54 -12.32 29.77
CA GLY C 27 -7.55 -12.97 30.61
C GLY C 27 -6.34 -12.09 30.88
N THR C 28 -5.94 -11.30 29.88
CA THR C 28 -4.74 -10.47 29.99
C THR C 28 -5.03 -9.05 30.45
N THR C 29 -6.19 -8.48 30.09
CA THR C 29 -6.45 -7.07 30.33
C THR C 29 -7.62 -6.88 31.29
N ALA C 30 -7.54 -5.79 32.06
CA ALA C 30 -8.63 -5.37 32.91
C ALA C 30 -9.62 -4.52 32.10
N ALA C 31 -10.85 -4.44 32.62
CA ALA C 31 -11.90 -3.70 31.94
C ALA C 31 -11.57 -2.21 31.90
N ILE C 32 -11.96 -1.57 30.80
CA ILE C 32 -11.87 -0.13 30.63
C ILE C 32 -13.28 0.44 30.77
N GLU C 33 -13.45 1.39 31.68
CA GLU C 33 -14.78 1.92 32.01
C GLU C 33 -14.71 3.43 32.11
N TYR C 34 -15.53 4.12 31.33
CA TYR C 34 -15.72 5.57 31.48
C TYR C 34 -17.18 5.84 31.16
N ARG C 35 -17.93 6.23 32.18
CA ARG C 35 -19.39 6.24 32.17
C ARG C 35 -19.92 5.01 31.44
N ALA C 36 -19.57 3.85 31.98
CA ALA C 36 -19.88 2.60 31.29
C ALA C 36 -21.32 2.19 31.52
N ASP C 37 -21.92 2.63 32.63
CA ASP C 37 -23.28 2.26 33.01
C ASP C 37 -24.25 3.41 32.88
N GLU C 38 -23.81 4.56 32.39
CA GLU C 38 -24.72 5.62 32.01
C GLU C 38 -25.44 5.25 30.71
N ARG C 39 -26.66 5.76 30.54
CA ARG C 39 -27.46 5.44 29.37
C ARG C 39 -27.13 6.38 28.22
N PHE C 40 -26.98 5.80 27.03
CA PHE C 40 -26.87 6.53 25.77
C PHE C 40 -27.87 5.93 24.79
N ALA C 41 -28.34 6.77 23.88
CA ALA C 41 -29.27 6.28 22.86
C ALA C 41 -28.59 5.26 21.96
N PHE C 42 -29.30 4.17 21.69
CA PHE C 42 -28.86 3.20 20.69
C PHE C 42 -28.44 3.88 19.40
N CYS C 43 -29.30 4.76 18.88
CA CYS C 43 -29.26 5.13 17.48
C CYS C 43 -29.16 3.85 16.66
N SER C 44 -28.33 3.84 15.62
CA SER C 44 -28.32 2.70 14.72
C SER C 44 -27.58 1.48 15.26
N THR C 45 -27.04 1.52 16.48
CA THR C 45 -26.25 0.40 16.99
C THR C 45 -27.10 -0.83 17.27
N PHE C 46 -28.40 -0.66 17.53
CA PHE C 46 -29.27 -1.81 17.77
C PHE C 46 -29.44 -2.69 16.54
N LYS C 47 -29.13 -2.16 15.35
CA LYS C 47 -29.34 -2.93 14.13
C LYS C 47 -28.45 -4.16 14.06
N ALA C 48 -27.33 -4.17 14.78
CA ALA C 48 -26.50 -5.39 14.80
C ALA C 48 -27.14 -6.49 15.64
N PRO C 49 -27.54 -6.26 16.90
CA PRO C 49 -28.31 -7.30 17.61
C PRO C 49 -29.67 -7.56 16.99
N LEU C 50 -30.25 -6.58 16.29
CA LEU C 50 -31.51 -6.82 15.58
C LEU C 50 -31.37 -7.93 14.55
N VAL C 51 -30.32 -7.88 13.74
CA VAL C 51 -30.06 -8.95 12.77
C VAL C 51 -29.82 -10.27 13.49
N ALA C 52 -29.13 -10.22 14.63
CA ALA C 52 -28.94 -11.43 15.42
C ALA C 52 -30.27 -12.00 15.91
N ALA C 53 -31.19 -11.12 16.32
CA ALA C 53 -32.53 -11.58 16.73
C ALA C 53 -33.25 -12.27 15.57
N VAL C 54 -33.16 -11.69 14.37
CA VAL C 54 -33.81 -12.29 13.20
C VAL C 54 -33.15 -13.61 12.85
N LEU C 55 -31.83 -13.69 12.94
CA LEU C 55 -31.13 -14.95 12.66
C LEU C 55 -31.47 -16.01 13.69
N HIS C 56 -31.58 -15.61 14.96
CA HIS C 56 -31.77 -16.59 16.03
C HIS C 56 -33.13 -17.27 15.93
N GLN C 57 -34.18 -16.51 15.61
CA GLN C 57 -35.55 -17.02 15.65
C GLN C 57 -35.99 -17.71 14.37
N ASN C 58 -35.12 -17.84 13.38
CA ASN C 58 -35.51 -18.37 12.08
C ASN C 58 -34.39 -19.21 11.49
N PRO C 59 -34.73 -20.21 10.69
CA PRO C 59 -33.71 -20.92 9.92
C PRO C 59 -33.13 -20.04 8.83
N LEU C 60 -31.96 -20.46 8.33
CA LEU C 60 -31.28 -19.70 7.28
C LEU C 60 -32.17 -19.49 6.06
N THR C 61 -33.04 -20.45 5.76
CA THR C 61 -33.93 -20.32 4.61
C THR C 61 -34.83 -19.09 4.72
N HIS C 62 -35.06 -18.59 5.93
CA HIS C 62 -35.85 -17.37 6.10
C HIS C 62 -35.19 -16.17 5.44
N LEU C 63 -33.87 -16.22 5.23
CA LEU C 63 -33.17 -15.11 4.59
C LEU C 63 -33.67 -14.85 3.17
N ASP C 64 -34.22 -15.87 2.53
CA ASP C 64 -34.69 -15.77 1.15
C ASP C 64 -36.12 -15.26 1.03
N LYS C 65 -36.80 -15.02 2.15
CA LYS C 65 -38.16 -14.47 2.09
C LYS C 65 -38.13 -13.05 1.55
N LEU C 66 -38.98 -12.79 0.56
CA LEU C 66 -39.04 -11.47 -0.08
C LEU C 66 -40.06 -10.59 0.65
N ILE C 67 -39.63 -9.38 1.02
CA ILE C 67 -40.47 -8.39 1.67
C ILE C 67 -40.72 -7.25 0.69
N THR C 68 -41.98 -6.90 0.49
CA THR C 68 -42.36 -5.77 -0.35
C THR C 68 -42.78 -4.59 0.51
N TYR C 69 -42.47 -3.39 0.02
CA TYR C 69 -42.78 -2.17 0.75
C TYR C 69 -43.02 -1.05 -0.26
N THR C 70 -43.49 0.09 0.24
CA THR C 70 -43.81 1.22 -0.60
C THR C 70 -42.88 2.38 -0.25
N SER C 71 -42.98 3.44 -1.05
CA SER C 71 -42.19 4.65 -0.79
C SER C 71 -42.58 5.29 0.53
N ASP C 72 -43.81 5.07 0.99
CA ASP C 72 -44.25 5.64 2.27
C ASP C 72 -43.55 4.98 3.45
N ASP C 73 -43.04 3.77 3.30
CA ASP C 73 -42.34 3.08 4.37
C ASP C 73 -40.91 3.58 4.55
N ILE C 74 -40.38 4.33 3.60
CA ILE C 74 -39.03 4.87 3.67
C ILE C 74 -39.10 6.19 4.44
N ARG C 75 -38.52 6.23 5.63
CA ARG C 75 -38.57 7.41 6.47
C ARG C 75 -37.23 7.84 7.05
N SER C 76 -36.17 7.07 6.87
CA SER C 76 -34.85 7.36 7.42
C SER C 76 -33.79 7.18 6.34
N ILE C 77 -32.53 7.45 6.69
CA ILE C 77 -31.42 7.23 5.78
C ILE C 77 -31.45 5.77 5.34
N SER C 78 -31.79 5.55 4.07
CA SER C 78 -32.00 4.20 3.55
C SER C 78 -31.37 4.12 2.16
N PRO C 79 -30.04 4.03 2.11
CA PRO C 79 -29.36 4.05 0.80
C PRO C 79 -29.70 2.85 -0.07
N VAL C 80 -30.07 1.72 0.52
CA VAL C 80 -30.36 0.50 -0.21
C VAL C 80 -31.86 0.36 -0.47
N ALA C 81 -32.68 0.58 0.55
CA ALA C 81 -34.11 0.35 0.41
C ALA C 81 -34.73 1.26 -0.64
N GLN C 82 -34.22 2.49 -0.78
CA GLN C 82 -34.74 3.41 -1.79
C GLN C 82 -34.41 2.97 -3.21
N GLN C 83 -33.55 1.97 -3.38
CA GLN C 83 -33.23 1.41 -4.68
C GLN C 83 -33.97 0.10 -4.95
N HIS C 84 -34.95 -0.26 -4.13
CA HIS C 84 -35.64 -1.54 -4.29
C HIS C 84 -37.12 -1.46 -3.93
N VAL C 85 -37.73 -0.29 -4.03
CA VAL C 85 -39.17 -0.18 -3.77
C VAL C 85 -39.95 -1.07 -4.73
N GLN C 86 -39.56 -1.05 -6.00
CA GLN C 86 -40.29 -1.78 -7.02
C GLN C 86 -40.01 -3.27 -6.95
N THR C 87 -38.78 -3.65 -6.61
CA THR C 87 -38.38 -5.05 -6.58
C THR C 87 -38.65 -5.72 -5.24
N GLY C 88 -38.65 -4.96 -4.15
CA GLY C 88 -38.62 -5.53 -2.82
C GLY C 88 -37.23 -6.05 -2.49
N MET C 89 -37.07 -6.51 -1.25
CA MET C 89 -35.79 -7.03 -0.80
C MET C 89 -36.00 -8.24 0.09
N THR C 90 -35.12 -9.23 -0.06
CA THR C 90 -35.17 -10.39 0.82
C THR C 90 -34.71 -9.99 2.21
N ILE C 91 -35.11 -10.80 3.20
CA ILE C 91 -34.68 -10.57 4.58
C ILE C 91 -33.16 -10.51 4.67
N GLY C 92 -32.47 -11.39 3.94
CA GLY C 92 -31.02 -11.34 3.93
C GLY C 92 -30.48 -10.01 3.45
N GLN C 93 -31.09 -9.45 2.38
CA GLN C 93 -30.68 -8.14 1.90
C GLN C 93 -30.99 -7.06 2.94
N LEU C 94 -32.11 -7.21 3.65
CA LEU C 94 -32.45 -6.25 4.70
C LEU C 94 -31.40 -6.30 5.82
N CYS C 95 -30.96 -7.50 6.19
CA CYS C 95 -29.90 -7.65 7.20
C CYS C 95 -28.61 -7.00 6.70
N ASP C 96 -28.21 -7.33 5.47
CA ASP C 96 -27.03 -6.71 4.86
C ASP C 96 -27.13 -5.20 4.86
N ALA C 97 -28.27 -4.66 4.43
CA ALA C 97 -28.41 -3.21 4.34
C ALA C 97 -28.43 -2.56 5.73
N ALA C 98 -29.09 -3.20 6.70
CA ALA C 98 -29.21 -2.62 8.03
C ALA C 98 -27.84 -2.50 8.71
N ILE C 99 -26.97 -3.48 8.50
CA ILE C 99 -25.67 -3.46 9.17
C ILE C 99 -24.67 -2.61 8.40
N ARG C 100 -24.49 -2.90 7.11
CA ARG C 100 -23.38 -2.32 6.37
C ARG C 100 -23.68 -0.89 5.91
N TYR C 101 -24.93 -0.57 5.64
CA TYR C 101 -25.32 0.76 5.22
C TYR C 101 -26.20 1.48 6.22
N SER C 102 -26.47 0.85 7.37
CA SER C 102 -27.30 1.44 8.43
C SER C 102 -28.66 1.85 7.90
N ASP C 103 -29.19 1.06 6.98
CA ASP C 103 -30.46 1.39 6.33
C ASP C 103 -31.58 1.39 7.35
N GLY C 104 -32.26 2.54 7.48
CA GLY C 104 -33.30 2.67 8.48
C GLY C 104 -34.55 1.90 8.11
N THR C 105 -34.95 1.94 6.83
CA THR C 105 -36.12 1.19 6.40
C THR C 105 -35.89 -0.31 6.57
N ALA C 106 -34.67 -0.77 6.31
CA ALA C 106 -34.36 -2.19 6.48
C ALA C 106 -34.53 -2.61 7.93
N ALA C 107 -34.16 -1.74 8.88
CA ALA C 107 -34.32 -2.08 10.29
C ALA C 107 -35.79 -2.15 10.67
N ASN C 108 -36.62 -1.26 10.15
CA ASN C 108 -38.04 -1.30 10.45
C ASN C 108 -38.70 -2.55 9.91
N LEU C 109 -38.31 -3.00 8.72
CA LEU C 109 -38.87 -4.22 8.16
C LEU C 109 -38.42 -5.45 8.94
N LEU C 110 -37.17 -5.44 9.43
CA LEU C 110 -36.70 -6.56 10.24
C LEU C 110 -37.36 -6.54 11.62
N LEU C 111 -37.59 -5.36 12.18
CA LEU C 111 -38.35 -5.26 13.42
C LEU C 111 -39.75 -5.80 13.23
N ALA C 112 -40.41 -5.44 12.12
CA ALA C 112 -41.72 -6.00 11.82
C ALA C 112 -41.65 -7.50 11.65
N ASP C 113 -40.55 -8.01 11.10
CA ASP C 113 -40.40 -9.45 10.97
C ASP C 113 -40.28 -10.13 12.33
N LEU C 114 -39.77 -9.41 13.34
CA LEU C 114 -39.80 -9.93 14.70
C LEU C 114 -41.22 -9.95 15.25
N GLY C 115 -42.03 -8.98 14.87
CA GLY C 115 -43.44 -8.98 15.20
C GLY C 115 -43.73 -8.44 16.59
N GLY C 116 -45.02 -8.32 16.88
CA GLY C 116 -45.47 -7.91 18.18
C GLY C 116 -45.74 -6.41 18.30
N PRO C 117 -46.02 -5.97 19.52
CA PRO C 117 -46.37 -4.56 19.72
C PRO C 117 -45.20 -3.64 19.44
N GLY C 118 -45.53 -2.39 19.12
CA GLY C 118 -44.51 -1.38 18.86
C GLY C 118 -43.67 -1.66 17.63
N GLY C 119 -44.22 -2.41 16.67
CA GLY C 119 -43.48 -2.71 15.47
C GLY C 119 -42.29 -3.63 15.66
N GLY C 120 -42.27 -4.40 16.74
CA GLY C 120 -41.18 -5.33 17.02
C GLY C 120 -40.25 -4.90 18.13
N THR C 121 -40.42 -3.68 18.66
CA THR C 121 -39.49 -3.16 19.67
C THR C 121 -39.57 -3.96 20.97
N ALA C 122 -40.76 -4.45 21.33
CA ALA C 122 -40.88 -5.29 22.52
C ALA C 122 -40.18 -6.62 22.32
N ALA C 123 -40.31 -7.21 21.12
CA ALA C 123 -39.65 -8.49 20.84
C ALA C 123 -38.14 -8.34 20.76
N PHE C 124 -37.67 -7.23 20.20
CA PHE C 124 -36.23 -6.97 20.19
C PHE C 124 -35.71 -6.74 21.60
N THR C 125 -36.44 -5.98 22.42
CA THR C 125 -36.06 -5.82 23.81
C THR C 125 -36.01 -7.17 24.52
N GLY C 126 -37.02 -8.01 24.29
CA GLY C 126 -37.00 -9.35 24.85
C GLY C 126 -35.80 -10.17 24.43
N TYR C 127 -35.36 -9.98 23.17
CA TYR C 127 -34.19 -10.72 22.70
C TYR C 127 -32.93 -10.33 23.46
N LEU C 128 -32.76 -9.03 23.74
CA LEU C 128 -31.64 -8.60 24.55
C LEU C 128 -31.67 -9.24 25.93
N ARG C 129 -32.87 -9.40 26.51
CA ARG C 129 -33.00 -10.07 27.80
C ARG C 129 -32.48 -11.50 27.73
N SER C 130 -32.80 -12.21 26.64
CA SER C 130 -32.29 -13.56 26.45
C SER C 130 -30.78 -13.61 26.42
N LEU C 131 -30.12 -12.47 26.15
CA LEU C 131 -28.68 -12.37 26.15
C LEU C 131 -28.11 -11.92 27.50
N GLY C 132 -28.95 -11.66 28.49
CA GLY C 132 -28.50 -11.18 29.78
C GLY C 132 -28.53 -9.68 29.94
N ASP C 133 -28.89 -8.94 28.91
CA ASP C 133 -28.95 -7.48 28.96
C ASP C 133 -30.30 -7.09 29.55
N THR C 134 -30.29 -6.64 30.81
CA THR C 134 -31.50 -6.26 31.50
C THR C 134 -31.75 -4.76 31.47
N VAL C 135 -30.79 -3.97 30.98
CA VAL C 135 -30.84 -2.52 31.05
C VAL C 135 -31.36 -1.91 29.75
N SER C 136 -30.90 -2.42 28.60
CA SER C 136 -31.19 -1.75 27.35
C SER C 136 -32.65 -1.97 26.93
N ARG C 137 -33.14 -1.04 26.12
CA ARG C 137 -34.52 -1.10 25.66
C ARG C 137 -34.63 -0.32 24.36
N LEU C 138 -35.40 -0.88 23.43
CA LEU C 138 -35.81 -0.18 22.22
C LEU C 138 -37.31 0.05 22.28
N ASP C 139 -37.73 1.30 22.05
CA ASP C 139 -39.13 1.68 22.20
C ASP C 139 -39.75 2.27 20.94
N ALA C 140 -38.96 2.78 20.01
CA ALA C 140 -39.47 3.37 18.79
C ALA C 140 -38.72 2.79 17.59
N GLU C 141 -39.24 3.07 16.40
CA GLU C 141 -38.60 2.68 15.15
C GLU C 141 -37.82 3.86 14.58
N GLU C 142 -37.20 3.65 13.43
CA GLU C 142 -36.58 4.75 12.71
C GLU C 142 -37.67 5.67 12.15
N PRO C 143 -37.47 7.00 12.22
CA PRO C 143 -36.29 7.67 12.77
C PRO C 143 -36.48 8.18 14.20
N GLU C 144 -37.61 7.83 14.82
CA GLU C 144 -37.96 8.39 16.12
C GLU C 144 -36.94 8.03 17.20
N LEU C 145 -36.36 6.83 17.12
CA LEU C 145 -35.46 6.35 18.17
C LEU C 145 -34.21 7.20 18.32
N ASN C 146 -33.91 8.06 17.35
CA ASN C 146 -32.78 8.98 17.46
C ASN C 146 -33.15 10.31 18.11
N ARG C 147 -34.44 10.54 18.39
CA ARG C 147 -34.94 11.86 18.75
C ARG C 147 -35.32 11.99 20.22
N ASP C 148 -35.11 10.96 21.02
CA ASP C 148 -35.47 11.04 22.43
C ASP C 148 -34.65 12.12 23.12
N PRO C 149 -35.25 12.94 23.97
CA PRO C 149 -34.49 13.98 24.67
C PRO C 149 -33.54 13.36 25.68
N PRO C 150 -32.49 14.07 26.08
CA PRO C 150 -31.61 13.55 27.13
C PRO C 150 -32.40 13.29 28.41
N GLY C 151 -31.96 12.28 29.16
CA GLY C 151 -32.64 11.83 30.34
C GLY C 151 -33.73 10.81 30.11
N ASP C 152 -34.27 10.75 28.89
CA ASP C 152 -35.27 9.74 28.56
C ASP C 152 -34.60 8.38 28.40
N GLU C 153 -35.12 7.38 29.11
CA GLU C 153 -34.55 6.04 29.07
C GLU C 153 -34.94 5.26 27.83
N ARG C 154 -35.90 5.75 27.04
CA ARG C 154 -36.35 5.01 25.87
C ARG C 154 -35.27 4.99 24.80
N ASP C 155 -35.16 3.86 24.11
CA ASP C 155 -34.22 3.67 23.01
C ASP C 155 -32.77 3.88 23.47
N THR C 156 -32.47 3.47 24.70
CA THR C 156 -31.16 3.65 25.28
C THR C 156 -30.52 2.31 25.63
N THR C 157 -29.19 2.33 25.66
CA THR C 157 -28.38 1.24 26.15
C THR C 157 -27.26 1.85 26.98
N THR C 158 -26.31 1.03 27.40
CA THR C 158 -25.10 1.51 28.05
C THR C 158 -23.90 0.89 27.34
N PRO C 159 -22.75 1.55 27.40
CA PRO C 159 -21.53 0.93 26.86
C PRO C 159 -21.26 -0.44 27.45
N HIS C 160 -21.52 -0.60 28.75
CA HIS C 160 -21.35 -1.88 29.41
C HIS C 160 -22.25 -2.95 28.80
N ALA C 161 -23.55 -2.66 28.69
CA ALA C 161 -24.51 -3.68 28.28
C ALA C 161 -24.31 -4.09 26.82
N ILE C 162 -24.20 -3.11 25.91
CA ILE C 162 -24.13 -3.46 24.49
C ILE C 162 -22.80 -4.13 24.16
N ALA C 163 -21.72 -3.79 24.87
CA ALA C 163 -20.45 -4.46 24.63
C ALA C 163 -20.53 -5.93 24.99
N LEU C 164 -21.18 -6.24 26.12
CA LEU C 164 -21.38 -7.64 26.48
C LEU C 164 -22.34 -8.33 25.53
N VAL C 165 -23.32 -7.60 25.01
CA VAL C 165 -24.21 -8.16 23.99
C VAL C 165 -23.40 -8.51 22.75
N LEU C 166 -22.61 -7.55 22.25
CA LEU C 166 -21.80 -7.79 21.06
C LEU C 166 -20.80 -8.91 21.29
N GLN C 167 -20.25 -9.01 22.52
CA GLN C 167 -19.30 -10.06 22.82
C GLN C 167 -19.91 -11.44 22.63
N GLN C 168 -21.13 -11.62 23.14
CA GLN C 168 -21.81 -12.90 23.00
C GLN C 168 -22.19 -13.20 21.55
N LEU C 169 -22.52 -12.17 20.78
CA LEU C 169 -22.99 -12.42 19.41
C LEU C 169 -21.84 -12.80 18.49
N VAL C 170 -20.68 -12.16 18.65
CA VAL C 170 -19.54 -12.35 17.74
C VAL C 170 -18.52 -13.34 18.31
N LEU C 171 -18.18 -13.22 19.60
CA LEU C 171 -17.18 -14.08 20.20
C LEU C 171 -17.77 -15.24 20.99
N GLY C 172 -18.99 -15.12 21.47
CA GLY C 172 -19.64 -16.16 22.24
C GLY C 172 -20.46 -17.12 21.41
N ASN C 173 -21.45 -17.73 22.06
CA ASN C 173 -22.26 -18.77 21.44
C ASN C 173 -23.75 -18.42 21.46
N ALA C 174 -24.09 -17.14 21.37
CA ALA C 174 -25.49 -16.75 21.22
C ALA C 174 -26.08 -17.30 19.93
N LEU C 175 -25.27 -17.39 18.87
CA LEU C 175 -25.69 -17.89 17.58
C LEU C 175 -24.90 -19.12 17.18
N PRO C 176 -25.51 -20.06 16.47
CA PRO C 176 -24.75 -21.16 15.88
C PRO C 176 -23.69 -20.63 14.93
N PRO C 177 -22.64 -21.41 14.67
CA PRO C 177 -21.48 -20.85 13.94
C PRO C 177 -21.79 -20.26 12.57
N ASP C 178 -22.73 -20.84 11.83
CA ASP C 178 -23.01 -20.30 10.49
C ASP C 178 -23.65 -18.92 10.55
N LYS C 179 -24.62 -18.72 11.44
CA LYS C 179 -25.25 -17.41 11.56
C LYS C 179 -24.30 -16.38 12.15
N ARG C 180 -23.47 -16.79 13.10
CA ARG C 180 -22.47 -15.89 13.66
C ARG C 180 -21.51 -15.41 12.56
N ALA C 181 -21.18 -16.29 11.60
CA ALA C 181 -20.27 -15.92 10.53
C ALA C 181 -20.91 -14.88 9.61
N LEU C 182 -22.22 -15.01 9.34
CA LEU C 182 -22.90 -14.02 8.52
C LEU C 182 -22.91 -12.66 9.19
N LEU C 183 -23.31 -12.63 10.46
CA LEU C 183 -23.28 -11.38 11.23
C LEU C 183 -21.88 -10.80 11.25
N THR C 184 -20.88 -11.64 11.49
CA THR C 184 -19.50 -11.16 11.57
C THR C 184 -19.04 -10.57 10.23
N ASP C 185 -19.33 -11.25 9.12
CA ASP C 185 -18.89 -10.76 7.83
C ASP C 185 -19.60 -9.46 7.45
N TRP C 186 -20.89 -9.35 7.79
CA TRP C 186 -21.63 -8.12 7.53
C TRP C 186 -21.00 -6.93 8.26
N MET C 187 -20.76 -7.09 9.57
CA MET C 187 -20.11 -6.02 10.32
C MET C 187 -18.70 -5.78 9.83
N ALA C 188 -18.02 -6.82 9.34
CA ALA C 188 -16.67 -6.67 8.83
C ALA C 188 -16.65 -5.82 7.57
N ARG C 189 -17.72 -5.87 6.77
CA ARG C 189 -17.84 -5.13 5.53
C ARG C 189 -18.72 -3.89 5.66
N ASN C 190 -18.82 -3.34 6.87
CA ASN C 190 -19.59 -2.12 7.09
C ASN C 190 -18.95 -0.94 6.38
N THR C 191 -19.80 -0.03 5.88
CA THR C 191 -19.34 1.10 5.07
C THR C 191 -19.50 2.44 5.78
N THR C 192 -19.88 2.45 7.06
CA THR C 192 -20.23 3.71 7.73
C THR C 192 -19.27 4.12 8.84
N GLY C 193 -18.29 3.28 9.18
CA GLY C 193 -17.48 3.52 10.36
C GLY C 193 -16.01 3.84 10.13
N ALA C 194 -15.65 4.27 8.91
CA ALA C 194 -14.23 4.44 8.59
C ALA C 194 -13.57 5.51 9.44
N LYS C 195 -14.32 6.51 9.89
CA LYS C 195 -13.76 7.65 10.62
C LYS C 195 -13.93 7.54 12.12
N ARG C 196 -14.36 6.39 12.63
CA ARG C 196 -14.62 6.25 14.05
C ARG C 196 -13.61 5.28 14.65
N ILE C 197 -14.08 4.16 15.22
CA ILE C 197 -13.15 3.24 15.87
C ILE C 197 -12.10 2.76 14.89
N ARG C 198 -12.49 2.51 13.63
CA ARG C 198 -11.55 2.08 12.61
C ARG C 198 -10.41 3.08 12.42
N ALA C 199 -10.73 4.38 12.48
CA ALA C 199 -9.71 5.40 12.29
C ALA C 199 -8.79 5.54 13.50
N GLY C 200 -9.19 5.03 14.66
CA GLY C 200 -8.41 5.18 15.87
C GLY C 200 -7.48 4.04 16.18
N PHE C 201 -7.64 2.93 15.49
CA PHE C 201 -6.80 1.76 15.63
C PHE C 201 -5.83 1.66 14.47
N PRO C 202 -4.61 1.16 14.72
CA PRO C 202 -3.67 0.93 13.61
C PRO C 202 -4.26 -0.01 12.58
N ALA C 203 -3.78 0.14 11.33
CA ALA C 203 -4.37 -0.60 10.21
C ALA C 203 -4.21 -2.11 10.38
N ASP C 204 -3.16 -2.56 11.08
CA ASP C 204 -2.97 -4.00 11.25
C ASP C 204 -3.85 -4.59 12.34
N TRP C 205 -4.64 -3.76 13.02
CA TRP C 205 -5.71 -4.25 13.89
C TRP C 205 -6.97 -4.41 13.04
N LYS C 206 -7.54 -5.61 13.02
CA LYS C 206 -8.79 -5.83 12.31
C LYS C 206 -9.94 -5.25 13.12
N VAL C 207 -10.85 -4.56 12.45
CA VAL C 207 -11.96 -3.87 13.11
C VAL C 207 -13.25 -4.20 12.38
N ILE C 208 -14.23 -4.75 13.10
CA ILE C 208 -15.60 -4.86 12.64
C ILE C 208 -16.45 -4.01 13.57
N ASP C 209 -17.43 -3.30 13.01
CA ASP C 209 -18.14 -2.32 13.82
C ASP C 209 -19.56 -2.10 13.32
N LYS C 210 -20.36 -1.48 14.18
CA LYS C 210 -21.68 -0.97 13.84
C LYS C 210 -21.81 0.44 14.40
N THR C 211 -22.14 1.39 13.53
CA THR C 211 -22.19 2.78 13.91
C THR C 211 -23.57 3.15 14.44
N GLY C 212 -23.63 4.31 15.10
CA GLY C 212 -24.88 4.93 15.48
C GLY C 212 -24.76 6.44 15.44
N THR C 213 -25.74 7.12 14.86
CA THR C 213 -25.74 8.57 14.79
C THR C 213 -27.16 9.07 14.96
N GLY C 214 -27.31 10.11 15.78
CA GLY C 214 -28.62 10.68 16.04
C GLY C 214 -28.57 12.16 16.38
N ASP C 215 -29.68 12.68 16.87
CA ASP C 215 -29.75 14.08 17.28
C ASP C 215 -29.01 14.27 18.59
N TYR C 216 -28.92 15.54 19.03
CA TYR C 216 -28.19 15.92 20.24
C TYR C 216 -26.72 15.51 20.15
N GLY C 217 -26.14 15.55 18.96
CA GLY C 217 -24.75 15.23 18.78
C GLY C 217 -24.39 13.78 19.05
N ARG C 218 -25.34 12.87 18.93
CA ARG C 218 -25.09 11.47 19.26
C ARG C 218 -24.29 10.79 18.17
N ALA C 219 -23.19 10.16 18.57
CA ALA C 219 -22.35 9.38 17.67
C ALA C 219 -21.81 8.19 18.45
N ASN C 220 -22.21 6.98 18.06
CA ASN C 220 -21.78 5.77 18.71
C ASN C 220 -21.05 4.88 17.72
N ASP C 221 -20.25 3.97 18.26
CA ASP C 221 -19.64 2.91 17.47
C ASP C 221 -19.37 1.73 18.40
N ILE C 222 -19.92 0.57 18.07
CA ILE C 222 -19.66 -0.67 18.79
C ILE C 222 -18.83 -1.55 17.86
N ALA C 223 -17.74 -2.11 18.38
CA ALA C 223 -16.78 -2.79 17.54
C ALA C 223 -16.22 -4.02 18.25
N VAL C 224 -15.82 -5.00 17.45
CA VAL C 224 -14.88 -6.04 17.86
C VAL C 224 -13.60 -5.84 17.07
N VAL C 225 -12.48 -5.74 17.79
CA VAL C 225 -11.19 -5.51 17.15
C VAL C 225 -10.26 -6.67 17.50
N TRP C 226 -9.40 -7.01 16.54
CA TRP C 226 -8.41 -8.07 16.71
C TRP C 226 -7.01 -7.47 16.64
N SER C 227 -6.19 -7.78 17.64
CA SER C 227 -4.80 -7.37 17.68
C SER C 227 -4.02 -8.03 16.54
N PRO C 228 -2.82 -7.55 16.23
CA PRO C 228 -2.00 -8.25 15.22
C PRO C 228 -1.73 -9.71 15.56
N THR C 229 -1.71 -10.06 16.85
CA THR C 229 -1.55 -11.44 17.27
C THR C 229 -2.85 -12.23 17.28
N GLY C 230 -3.96 -11.64 16.86
CA GLY C 230 -5.22 -12.35 16.79
C GLY C 230 -6.04 -12.35 18.06
N VAL C 231 -5.74 -11.48 19.01
CA VAL C 231 -6.46 -11.41 20.28
C VAL C 231 -7.67 -10.48 20.10
N PRO C 232 -8.88 -10.94 20.37
CA PRO C 232 -10.06 -10.10 20.17
C PRO C 232 -10.44 -9.30 21.41
N TYR C 233 -10.95 -8.10 21.16
CA TYR C 233 -11.49 -7.23 22.21
C TYR C 233 -12.78 -6.61 21.70
N VAL C 234 -13.71 -6.38 22.61
CA VAL C 234 -14.95 -5.67 22.31
C VAL C 234 -14.80 -4.24 22.79
N VAL C 235 -15.10 -3.28 21.91
CA VAL C 235 -14.96 -1.86 22.21
C VAL C 235 -16.30 -1.19 21.93
N ALA C 236 -16.88 -0.58 22.96
CA ALA C 236 -18.10 0.23 22.83
C ALA C 236 -17.74 1.67 23.13
N VAL C 237 -18.01 2.56 22.17
CA VAL C 237 -17.76 4.00 22.34
C VAL C 237 -19.03 4.74 21.96
N MET C 238 -19.57 5.50 22.91
CA MET C 238 -20.79 6.25 22.70
C MET C 238 -20.60 7.70 23.14
N SER C 239 -21.31 8.60 22.47
CA SER C 239 -21.16 10.01 22.75
C SER C 239 -22.46 10.74 22.41
N ASP C 240 -22.70 11.83 23.13
CA ASP C 240 -23.70 12.80 22.76
C ASP C 240 -23.22 14.18 23.21
N ARG C 241 -23.82 15.21 22.62
CA ARG C 241 -23.52 16.60 22.94
C ARG C 241 -24.82 17.35 23.21
N ALA C 242 -25.62 16.81 24.13
CA ALA C 242 -26.98 17.28 24.35
C ALA C 242 -27.00 18.76 24.77
N GLY C 243 -25.94 19.23 25.43
CA GLY C 243 -25.88 20.63 25.80
C GLY C 243 -25.98 21.58 24.63
N GLY C 244 -25.65 21.11 23.42
CA GLY C 244 -25.79 21.89 22.21
C GLY C 244 -27.15 21.79 21.55
N GLY C 245 -28.10 21.10 22.17
CA GLY C 245 -29.45 21.04 21.65
C GLY C 245 -29.66 19.91 20.65
N TYR C 246 -30.91 19.86 20.16
CA TYR C 246 -31.32 18.86 19.18
C TYR C 246 -30.41 18.86 17.96
N ASP C 247 -30.01 20.04 17.50
CA ASP C 247 -29.23 20.19 16.27
C ASP C 247 -27.73 20.07 16.50
N ALA C 248 -27.30 19.70 17.71
CA ALA C 248 -25.87 19.54 17.97
C ALA C 248 -25.27 18.54 17.01
N GLU C 249 -24.11 18.89 16.48
CA GLU C 249 -23.47 18.05 15.47
C GLU C 249 -22.69 16.92 16.13
N PRO C 250 -22.84 15.69 15.68
CA PRO C 250 -21.97 14.62 16.18
C PRO C 250 -20.54 14.85 15.71
N ARG C 251 -19.60 14.44 16.54
CA ARG C 251 -18.18 14.60 16.26
C ARG C 251 -17.53 13.23 16.18
N GLU C 252 -17.30 12.77 14.94
CA GLU C 252 -16.69 11.46 14.73
C GLU C 252 -15.26 11.41 15.27
N ALA C 253 -14.53 12.52 15.21
CA ALA C 253 -13.14 12.53 15.66
C ALA C 253 -13.02 12.18 17.14
N LEU C 254 -14.02 12.53 17.95
CA LEU C 254 -14.01 12.13 19.36
C LEU C 254 -13.92 10.62 19.51
N LEU C 255 -14.68 9.88 18.70
CA LEU C 255 -14.67 8.42 18.83
C LEU C 255 -13.37 7.83 18.32
N ALA C 256 -12.78 8.43 17.27
CA ALA C 256 -11.50 7.97 16.79
C ALA C 256 -10.41 8.21 17.82
N GLU C 257 -10.39 9.40 18.44
CA GLU C 257 -9.41 9.68 19.46
C GLU C 257 -9.58 8.76 20.67
N ALA C 258 -10.82 8.56 21.11
CA ALA C 258 -11.07 7.63 22.22
C ALA C 258 -10.60 6.23 21.87
N ALA C 259 -10.82 5.80 20.62
CA ALA C 259 -10.34 4.49 20.21
C ALA C 259 -8.83 4.43 20.25
N THR C 260 -8.15 5.51 19.82
CA THR C 260 -6.69 5.54 19.91
C THR C 260 -6.22 5.41 21.36
N CYS C 261 -6.91 6.09 22.28
CA CYS C 261 -6.62 5.94 23.70
C CYS C 261 -6.79 4.49 24.15
N VAL C 262 -7.86 3.83 23.70
CA VAL C 262 -8.07 2.43 24.07
C VAL C 262 -6.97 1.54 23.47
N ALA C 263 -6.60 1.80 22.21
CA ALA C 263 -5.56 1.00 21.57
C ALA C 263 -4.24 1.10 22.32
N GLY C 264 -3.95 2.27 22.90
CA GLY C 264 -2.70 2.43 23.63
C GLY C 264 -2.62 1.54 24.85
N VAL C 265 -3.73 1.39 25.58
CA VAL C 265 -3.71 0.55 26.77
C VAL C 265 -3.79 -0.92 26.39
N LEU C 266 -4.40 -1.24 25.24
CA LEU C 266 -4.46 -2.63 24.82
C LEU C 266 -3.15 -3.07 24.17
N ALA C 267 -2.32 -2.13 23.77
CA ALA C 267 -1.01 -2.46 23.24
C ALA C 267 -0.19 -3.01 24.41
N ASP D 3 -2.21 -6.86 -34.28
CA ASP D 3 -1.83 -7.85 -33.29
C ASP D 3 -2.35 -7.44 -31.91
N LEU D 4 -2.50 -6.13 -31.71
CA LEU D 4 -3.08 -5.63 -30.47
C LEU D 4 -4.59 -5.85 -30.43
N ALA D 5 -5.26 -5.69 -31.57
CA ALA D 5 -6.70 -5.97 -31.64
C ALA D 5 -6.97 -7.46 -31.43
N ASP D 6 -6.08 -8.32 -31.91
CA ASP D 6 -6.21 -9.74 -31.66
C ASP D 6 -6.10 -10.07 -30.17
N ARG D 7 -5.26 -9.34 -29.43
CA ARG D 7 -5.17 -9.64 -28.00
C ARG D 7 -6.36 -9.06 -27.23
N PHE D 8 -6.87 -7.89 -27.65
CA PHE D 8 -8.11 -7.40 -27.05
C PHE D 8 -9.27 -8.36 -27.31
N ALA D 9 -9.35 -8.90 -28.54
CA ALA D 9 -10.40 -9.85 -28.85
C ALA D 9 -10.27 -11.12 -28.02
N GLU D 10 -9.04 -11.55 -27.72
CA GLU D 10 -8.87 -12.70 -26.84
C GLU D 10 -9.38 -12.41 -25.44
N LEU D 11 -9.12 -11.20 -24.94
CA LEU D 11 -9.63 -10.81 -23.62
C LEU D 11 -11.14 -10.78 -23.60
N GLU D 12 -11.75 -10.23 -24.65
CA GLU D 12 -13.21 -10.23 -24.77
C GLU D 12 -13.77 -11.64 -24.66
N ARG D 13 -13.08 -12.61 -25.27
CA ARG D 13 -13.53 -13.99 -25.19
C ARG D 13 -13.25 -14.60 -23.83
N ARG D 14 -12.07 -14.32 -23.25
CA ARG D 14 -11.71 -14.86 -21.95
C ARG D 14 -12.73 -14.45 -20.88
N TYR D 15 -13.12 -13.18 -20.86
CA TYR D 15 -13.93 -12.62 -19.79
C TYR D 15 -15.41 -12.49 -20.15
N ASP D 16 -15.81 -12.97 -21.33
CA ASP D 16 -17.18 -12.85 -21.81
C ASP D 16 -17.67 -11.41 -21.73
N ALA D 17 -16.91 -10.52 -22.37
CA ALA D 17 -17.12 -9.09 -22.22
C ALA D 17 -16.87 -8.38 -23.54
N ARG D 18 -17.40 -7.16 -23.62
CA ARG D 18 -17.11 -6.24 -24.71
C ARG D 18 -16.17 -5.16 -24.18
N LEU D 19 -15.04 -4.97 -24.86
CA LEU D 19 -13.96 -4.11 -24.36
C LEU D 19 -13.79 -2.91 -25.27
N GLY D 20 -13.73 -1.72 -24.67
CA GLY D 20 -13.42 -0.50 -25.39
C GLY D 20 -12.17 0.16 -24.83
N VAL D 21 -11.21 0.46 -25.71
CA VAL D 21 -9.94 1.04 -25.31
C VAL D 21 -9.63 2.20 -26.26
N TYR D 22 -9.18 3.31 -25.70
CA TYR D 22 -8.67 4.41 -26.52
C TYR D 22 -7.54 5.11 -25.78
N VAL D 23 -6.42 5.28 -26.48
CA VAL D 23 -5.29 6.08 -26.04
C VAL D 23 -5.01 7.09 -27.14
N PRO D 24 -5.22 8.38 -26.88
CA PRO D 24 -4.94 9.39 -27.91
C PRO D 24 -3.50 9.33 -28.38
N ALA D 25 -3.31 9.61 -29.66
CA ALA D 25 -1.97 9.62 -30.23
C ALA D 25 -1.14 10.76 -29.63
N THR D 26 0.16 10.55 -29.55
CA THR D 26 1.12 11.56 -29.12
C THR D 26 2.10 11.83 -30.26
N GLY D 27 3.10 12.66 -29.98
CA GLY D 27 4.14 12.91 -30.97
C GLY D 27 4.91 11.66 -31.35
N THR D 28 5.16 10.79 -30.37
CA THR D 28 5.93 9.57 -30.60
C THR D 28 5.09 8.34 -30.88
N THR D 29 3.87 8.28 -30.33
CA THR D 29 3.06 7.07 -30.40
C THR D 29 1.79 7.32 -31.19
N ALA D 30 1.34 6.27 -31.87
CA ALA D 30 0.08 6.28 -32.60
C ALA D 30 -1.08 5.95 -31.65
N ALA D 31 -2.28 6.35 -32.04
CA ALA D 31 -3.46 6.09 -31.24
C ALA D 31 -3.75 4.59 -31.13
N ILE D 32 -4.23 4.17 -29.98
CA ILE D 32 -4.70 2.81 -29.74
C ILE D 32 -6.23 2.87 -29.69
N GLU D 33 -6.88 2.08 -30.54
CA GLU D 33 -8.33 2.15 -30.70
C GLU D 33 -8.91 0.74 -30.72
N TYR D 34 -9.82 0.39 -29.85
CA TYR D 34 -10.33 -0.94 -30.05
C TYR D 34 -11.80 -0.82 -30.38
N ARG D 35 -12.55 -0.26 -29.45
CA ARG D 35 -13.95 -0.05 -29.65
C ARG D 35 -14.04 1.39 -29.35
N ALA D 36 -13.20 2.19 -30.04
CA ALA D 36 -13.12 3.56 -29.53
C ALA D 36 -14.39 4.36 -29.76
N ASP D 37 -15.17 4.05 -30.79
CA ASP D 37 -16.34 4.84 -31.09
C ASP D 37 -17.66 4.12 -30.79
N GLU D 38 -17.61 2.91 -30.24
CA GLU D 38 -18.81 2.27 -29.70
C GLU D 38 -19.20 2.90 -28.37
N ARG D 39 -20.49 2.89 -28.08
CA ARG D 39 -20.98 3.52 -26.85
C ARG D 39 -20.89 2.56 -25.67
N PHE D 40 -20.40 3.08 -24.55
CA PHE D 40 -20.42 2.39 -23.26
C PHE D 40 -21.03 3.32 -22.22
N ALA D 41 -21.64 2.73 -21.21
CA ALA D 41 -22.23 3.52 -20.14
C ALA D 41 -21.15 4.26 -19.36
N PHE D 42 -21.39 5.56 -19.12
CA PHE D 42 -20.55 6.34 -18.22
C PHE D 42 -20.32 5.60 -16.92
N CYS D 43 -21.41 5.17 -16.28
CA CYS D 43 -21.42 4.89 -14.85
C CYS D 43 -20.74 6.07 -14.14
N SER D 44 -19.87 5.80 -13.16
CA SER D 44 -19.36 6.89 -12.34
C SER D 44 -18.20 7.65 -12.98
N THR D 45 -17.81 7.33 -14.20
CA THR D 45 -16.73 8.08 -14.85
C THR D 45 -17.12 9.53 -15.13
N PHE D 46 -18.42 9.82 -15.21
CA PHE D 46 -18.86 11.19 -15.45
C PHE D 46 -18.53 12.12 -14.29
N LYS D 47 -18.26 11.58 -13.10
CA LYS D 47 -18.00 12.42 -11.95
C LYS D 47 -16.71 13.23 -12.08
N ALA D 48 -15.76 12.78 -12.92
CA ALA D 48 -14.56 13.58 -13.12
C ALA D 48 -14.83 14.81 -13.98
N PRO D 49 -15.44 14.71 -15.17
CA PRO D 49 -15.81 15.95 -15.87
C PRO D 49 -16.88 16.75 -15.15
N LEU D 50 -17.70 16.10 -14.32
CA LEU D 50 -18.70 16.84 -13.54
C LEU D 50 -18.01 17.83 -12.60
N VAL D 51 -16.98 17.37 -11.88
CA VAL D 51 -16.22 18.25 -11.02
C VAL D 51 -15.57 19.36 -11.83
N ALA D 52 -15.10 19.03 -13.03
CA ALA D 52 -14.54 20.04 -13.93
C ALA D 52 -15.59 21.08 -14.32
N ALA D 53 -16.82 20.62 -14.58
CA ALA D 53 -17.90 21.54 -14.90
C ALA D 53 -18.18 22.49 -13.74
N VAL D 54 -18.17 21.98 -12.51
CA VAL D 54 -18.39 22.84 -11.34
C VAL D 54 -17.23 23.81 -11.17
N LEU D 55 -16.01 23.34 -11.35
CA LEU D 55 -14.83 24.20 -11.25
C LEU D 55 -14.81 25.24 -12.36
N HIS D 56 -15.24 24.86 -13.57
CA HIS D 56 -15.11 25.73 -14.73
C HIS D 56 -15.96 26.99 -14.60
N GLN D 57 -17.19 26.86 -14.12
CA GLN D 57 -18.13 27.97 -14.12
C GLN D 57 -18.26 28.64 -12.75
N ASN D 58 -17.34 28.36 -11.83
CA ASN D 58 -17.36 29.01 -10.52
C ASN D 58 -15.95 29.41 -10.13
N PRO D 59 -15.80 30.49 -9.38
CA PRO D 59 -14.50 30.80 -8.77
C PRO D 59 -14.16 29.82 -7.66
N LEU D 60 -12.87 29.75 -7.33
CA LEU D 60 -12.41 28.82 -6.30
C LEU D 60 -13.12 29.04 -4.98
N THR D 61 -13.50 30.29 -4.67
CA THR D 61 -14.19 30.58 -3.42
C THR D 61 -15.50 29.82 -3.30
N HIS D 62 -16.11 29.41 -4.42
CA HIS D 62 -17.32 28.61 -4.39
C HIS D 62 -17.14 27.25 -3.73
N LEU D 63 -15.89 26.73 -3.69
CA LEU D 63 -15.67 25.42 -3.08
C LEU D 63 -15.98 25.41 -1.59
N ASP D 64 -15.89 26.57 -0.92
CA ASP D 64 -16.13 26.65 0.51
C ASP D 64 -17.60 26.82 0.86
N LYS D 65 -18.48 26.92 -0.14
CA LYS D 65 -19.90 27.02 0.13
C LYS D 65 -20.41 25.72 0.74
N LEU D 66 -21.16 25.83 1.83
CA LEU D 66 -21.68 24.66 2.53
C LEU D 66 -23.02 24.27 1.92
N ILE D 67 -23.16 22.99 1.59
CA ILE D 67 -24.40 22.44 1.04
C ILE D 67 -25.03 21.55 2.10
N THR D 68 -26.29 21.81 2.40
CA THR D 68 -27.07 21.00 3.32
C THR D 68 -28.07 20.16 2.54
N TYR D 69 -28.32 18.96 3.04
CA TYR D 69 -29.20 18.01 2.38
C TYR D 69 -29.87 17.16 3.46
N THR D 70 -30.84 16.35 3.03
CA THR D 70 -31.64 15.55 3.94
C THR D 70 -31.40 14.06 3.70
N SER D 71 -32.01 13.25 4.57
CA SER D 71 -31.91 11.81 4.44
C SER D 71 -32.57 11.32 3.16
N ASP D 72 -33.54 12.08 2.64
CA ASP D 72 -34.19 11.71 1.40
C ASP D 72 -33.27 11.80 0.19
N ASP D 73 -32.21 12.61 0.28
CA ASP D 73 -31.25 12.76 -0.79
C ASP D 73 -30.27 11.60 -0.88
N ILE D 74 -30.23 10.73 0.14
CA ILE D 74 -29.33 9.57 0.14
C ILE D 74 -30.10 8.46 -0.59
N ARG D 75 -29.92 8.40 -1.92
CA ARG D 75 -30.61 7.42 -2.75
C ARG D 75 -29.64 6.48 -3.46
N SER D 76 -28.36 6.55 -3.15
CA SER D 76 -27.37 5.69 -3.80
C SER D 76 -26.20 5.48 -2.85
N ILE D 77 -25.24 4.67 -3.28
CA ILE D 77 -24.01 4.43 -2.53
C ILE D 77 -23.29 5.75 -2.29
N SER D 78 -23.26 6.19 -1.03
CA SER D 78 -22.72 7.50 -0.67
C SER D 78 -21.88 7.33 0.58
N PRO D 79 -20.66 6.81 0.45
CA PRO D 79 -19.87 6.49 1.65
C PRO D 79 -19.53 7.69 2.51
N VAL D 80 -19.42 8.87 1.93
CA VAL D 80 -19.09 10.09 2.67
C VAL D 80 -20.34 10.90 3.01
N ALA D 81 -21.20 11.13 2.02
CA ALA D 81 -22.38 11.96 2.24
C ALA D 81 -23.33 11.36 3.27
N GLN D 82 -23.37 10.03 3.39
CA GLN D 82 -24.26 9.40 4.37
C GLN D 82 -23.85 9.72 5.80
N GLN D 83 -22.61 10.14 6.02
CA GLN D 83 -22.13 10.49 7.36
C GLN D 83 -22.22 11.97 7.65
N HIS D 84 -22.79 12.77 6.74
CA HIS D 84 -22.76 14.23 6.91
C HIS D 84 -24.11 14.86 6.62
N VAL D 85 -25.19 14.10 6.80
CA VAL D 85 -26.53 14.65 6.65
C VAL D 85 -26.75 15.77 7.66
N GLN D 86 -26.35 15.55 8.91
CA GLN D 86 -26.56 16.54 9.97
C GLN D 86 -25.60 17.71 9.85
N THR D 87 -24.36 17.45 9.43
CA THR D 87 -23.34 18.50 9.34
C THR D 87 -23.40 19.28 8.03
N GLY D 88 -23.95 18.69 6.97
CA GLY D 88 -23.83 19.25 5.65
C GLY D 88 -22.45 18.97 5.06
N MET D 89 -22.29 19.35 3.79
CA MET D 89 -21.03 19.14 3.10
C MET D 89 -20.69 20.34 2.25
N THR D 90 -19.43 20.73 2.29
CA THR D 90 -18.93 21.80 1.44
C THR D 90 -18.79 21.32 0.00
N ILE D 91 -18.81 22.26 -0.95
CA ILE D 91 -18.64 21.90 -2.37
C ILE D 91 -17.34 21.15 -2.59
N GLY D 92 -16.25 21.62 -1.97
CA GLY D 92 -14.99 20.92 -2.08
C GLY D 92 -15.07 19.49 -1.59
N GLN D 93 -15.75 19.27 -0.47
CA GLN D 93 -15.93 17.91 0.04
C GLN D 93 -16.76 17.08 -0.91
N LEU D 94 -17.78 17.68 -1.54
CA LEU D 94 -18.59 16.94 -2.50
C LEU D 94 -17.77 16.56 -3.72
N CYS D 95 -16.94 17.48 -4.22
CA CYS D 95 -16.06 17.17 -5.35
C CYS D 95 -15.05 16.09 -4.95
N ASP D 96 -14.42 16.27 -3.78
CA ASP D 96 -13.53 15.24 -3.25
C ASP D 96 -14.25 13.90 -3.14
N ALA D 97 -15.48 13.92 -2.59
CA ALA D 97 -16.22 12.68 -2.39
C ALA D 97 -16.65 12.05 -3.71
N ALA D 98 -17.03 12.87 -4.69
CA ALA D 98 -17.50 12.33 -5.97
C ALA D 98 -16.37 11.60 -6.71
N ILE D 99 -15.16 12.12 -6.63
CA ILE D 99 -14.03 11.55 -7.37
C ILE D 99 -13.38 10.42 -6.58
N ARG D 100 -13.02 10.67 -5.31
CA ARG D 100 -12.18 9.74 -4.56
C ARG D 100 -12.97 8.55 -4.01
N TYR D 101 -14.22 8.75 -3.63
CA TYR D 101 -15.05 7.67 -3.12
C TYR D 101 -16.24 7.35 -4.02
N SER D 102 -16.36 8.01 -5.17
CA SER D 102 -17.45 7.77 -6.11
C SER D 102 -18.81 7.95 -5.43
N ASP D 103 -18.89 8.92 -4.53
CA ASP D 103 -20.10 9.17 -3.75
C ASP D 103 -21.25 9.57 -4.67
N GLY D 104 -22.33 8.79 -4.64
CA GLY D 104 -23.44 9.06 -5.53
C GLY D 104 -24.23 10.29 -5.17
N THR D 105 -24.51 10.48 -3.87
CA THR D 105 -25.23 11.66 -3.43
C THR D 105 -24.42 12.92 -3.70
N ALA D 106 -23.10 12.84 -3.55
CA ALA D 106 -22.26 14.01 -3.84
C ALA D 106 -22.38 14.43 -5.29
N ALA D 107 -22.47 13.46 -6.21
CA ALA D 107 -22.58 13.80 -7.63
C ALA D 107 -23.92 14.48 -7.92
N ASN D 108 -25.00 14.01 -7.29
CA ASN D 108 -26.31 14.64 -7.50
C ASN D 108 -26.32 16.07 -6.99
N LEU D 109 -25.68 16.33 -5.85
CA LEU D 109 -25.64 17.69 -5.33
C LEU D 109 -24.80 18.60 -6.23
N LEU D 110 -23.73 18.06 -6.82
CA LEU D 110 -22.93 18.84 -7.76
C LEU D 110 -23.68 19.06 -9.06
N LEU D 111 -24.44 18.06 -9.50
CA LEU D 111 -25.31 18.24 -10.67
C LEU D 111 -26.33 19.34 -10.43
N ALA D 112 -26.96 19.33 -9.24
CA ALA D 112 -27.88 20.42 -8.89
C ALA D 112 -27.17 21.76 -8.83
N ASP D 113 -25.90 21.77 -8.40
CA ASP D 113 -25.15 23.01 -8.33
C ASP D 113 -24.91 23.61 -9.71
N LEU D 114 -24.85 22.77 -10.75
CA LEU D 114 -24.78 23.28 -12.12
C LEU D 114 -26.08 23.93 -12.55
N GLY D 115 -27.22 23.40 -12.09
CA GLY D 115 -28.50 24.00 -12.35
C GLY D 115 -29.09 23.59 -13.70
N GLY D 116 -30.32 24.03 -13.93
CA GLY D 116 -30.98 23.79 -15.19
C GLY D 116 -31.87 22.56 -15.21
N PRO D 117 -32.37 22.21 -16.39
CA PRO D 117 -33.30 21.08 -16.50
C PRO D 117 -32.65 19.76 -16.15
N GLY D 118 -33.48 18.81 -15.72
CA GLY D 118 -33.02 17.48 -15.38
C GLY D 118 -32.09 17.44 -14.19
N GLY D 119 -32.20 18.40 -13.27
CA GLY D 119 -31.36 18.42 -12.10
C GLY D 119 -29.90 18.69 -12.37
N GLY D 120 -29.57 19.30 -13.51
CA GLY D 120 -28.20 19.60 -13.87
C GLY D 120 -27.66 18.70 -14.95
N THR D 121 -28.42 17.68 -15.35
CA THR D 121 -27.94 16.72 -16.33
C THR D 121 -27.80 17.35 -17.71
N ALA D 122 -28.65 18.31 -18.06
CA ALA D 122 -28.51 19.02 -19.33
C ALA D 122 -27.29 19.93 -19.33
N ALA D 123 -27.02 20.59 -18.20
CA ALA D 123 -25.87 21.49 -18.12
C ALA D 123 -24.55 20.72 -18.18
N PHE D 124 -24.50 19.53 -17.57
CA PHE D 124 -23.29 18.72 -17.64
C PHE D 124 -23.03 18.26 -19.07
N THR D 125 -24.07 17.83 -19.78
CA THR D 125 -23.93 17.49 -21.19
C THR D 125 -23.46 18.69 -22.00
N GLY D 126 -24.04 19.86 -21.74
CA GLY D 126 -23.60 21.07 -22.43
C GLY D 126 -22.13 21.36 -22.21
N TYR D 127 -21.63 21.08 -21.00
CA TYR D 127 -20.21 21.31 -20.73
C TYR D 127 -19.34 20.38 -21.57
N LEU D 128 -19.73 19.11 -21.70
CA LEU D 128 -19.00 18.20 -22.58
C LEU D 128 -19.04 18.69 -24.02
N ARG D 129 -20.19 19.21 -24.46
CA ARG D 129 -20.29 19.78 -25.81
C ARG D 129 -19.32 20.93 -26.00
N SER D 130 -19.21 21.80 -25.00
CA SER D 130 -18.26 22.92 -25.06
C SER D 130 -16.82 22.46 -25.19
N LEU D 131 -16.52 21.23 -24.78
CA LEU D 131 -15.17 20.66 -24.86
C LEU D 131 -14.92 19.93 -26.16
N GLY D 132 -15.89 19.91 -27.07
CA GLY D 132 -15.77 19.20 -28.32
C GLY D 132 -16.37 17.82 -28.33
N ASP D 133 -16.92 17.37 -27.21
CA ASP D 133 -17.53 16.05 -27.12
C ASP D 133 -18.94 16.12 -27.69
N THR D 134 -19.10 15.57 -28.88
CA THR D 134 -20.38 15.54 -29.58
C THR D 134 -21.14 14.24 -29.39
N VAL D 135 -20.53 13.25 -28.73
CA VAL D 135 -21.10 11.91 -28.64
C VAL D 135 -21.77 11.67 -27.29
N SER D 136 -21.14 12.12 -26.21
CA SER D 136 -21.58 11.72 -24.87
C SER D 136 -22.86 12.46 -24.47
N ARG D 137 -23.58 11.84 -23.54
CA ARG D 137 -24.81 12.39 -23.01
C ARG D 137 -25.06 11.81 -21.63
N LEU D 138 -25.48 12.67 -20.71
CA LEU D 138 -25.97 12.25 -19.40
C LEU D 138 -27.44 12.61 -19.30
N ASP D 139 -28.27 11.64 -18.93
CA ASP D 139 -29.72 11.81 -18.95
C ASP D 139 -30.38 11.60 -17.59
N ALA D 140 -29.75 10.86 -16.68
CA ALA D 140 -30.33 10.59 -15.37
C ALA D 140 -29.30 10.89 -14.29
N GLU D 141 -29.77 10.90 -13.05
CA GLU D 141 -28.92 11.08 -11.89
C GLU D 141 -28.57 9.73 -11.30
N GLU D 142 -27.81 9.76 -10.22
CA GLU D 142 -27.58 8.55 -9.46
C GLU D 142 -28.88 8.14 -8.76
N PRO D 143 -29.20 6.83 -8.72
CA PRO D 143 -28.40 5.74 -9.28
C PRO D 143 -28.88 5.25 -10.64
N GLU D 144 -29.86 5.94 -11.24
CA GLU D 144 -30.49 5.45 -12.47
C GLU D 144 -29.52 5.35 -13.63
N LEU D 145 -28.55 6.27 -13.73
CA LEU D 145 -27.67 6.32 -14.88
C LEU D 145 -26.80 5.08 -15.04
N ASN D 146 -26.70 4.22 -14.02
CA ASN D 146 -25.96 2.98 -14.12
C ASN D 146 -26.78 1.80 -14.61
N ARG D 147 -28.10 1.98 -14.79
CA ARG D 147 -29.01 0.86 -15.00
C ARG D 147 -29.71 0.88 -16.36
N ASP D 148 -29.26 1.71 -17.29
CA ASP D 148 -29.82 1.69 -18.63
C ASP D 148 -29.53 0.34 -19.29
N PRO D 149 -30.50 -0.24 -19.98
CA PRO D 149 -30.26 -1.53 -20.65
C PRO D 149 -29.28 -1.36 -21.80
N PRO D 150 -28.62 -2.45 -22.21
CA PRO D 150 -27.72 -2.35 -23.37
C PRO D 150 -28.48 -1.89 -24.60
N GLY D 151 -27.75 -1.17 -25.47
CA GLY D 151 -28.34 -0.58 -26.64
C GLY D 151 -28.94 0.80 -26.42
N ASP D 152 -29.28 1.13 -25.19
CA ASP D 152 -29.79 2.47 -24.87
C ASP D 152 -28.64 3.47 -24.89
N GLU D 153 -28.79 4.52 -25.68
CA GLU D 153 -27.75 5.53 -25.82
C GLU D 153 -27.70 6.49 -24.64
N ARG D 154 -28.70 6.48 -23.78
CA ARG D 154 -28.72 7.41 -22.66
C ARG D 154 -27.64 7.07 -21.65
N ASP D 155 -27.03 8.11 -21.07
CA ASP D 155 -26.00 7.97 -20.05
C ASP D 155 -24.81 7.18 -20.57
N THR D 156 -24.49 7.35 -21.85
CA THR D 156 -23.39 6.64 -22.49
C THR D 156 -22.37 7.63 -23.03
N THR D 157 -21.14 7.14 -23.16
CA THR D 157 -20.07 7.85 -23.84
C THR D 157 -19.32 6.83 -24.69
N THR D 158 -18.18 7.25 -25.24
CA THR D 158 -17.28 6.35 -25.93
C THR D 158 -15.87 6.51 -25.37
N PRO D 159 -15.04 5.47 -25.47
CA PRO D 159 -13.63 5.64 -25.06
C PRO D 159 -12.96 6.80 -25.77
N HIS D 160 -13.27 7.00 -27.05
CA HIS D 160 -12.71 8.11 -27.80
C HIS D 160 -13.09 9.45 -27.19
N ALA D 161 -14.38 9.65 -26.91
CA ALA D 161 -14.87 10.94 -26.45
C ALA D 161 -14.38 11.25 -25.04
N ILE D 162 -14.48 10.28 -24.12
CA ILE D 162 -14.11 10.54 -22.74
C ILE D 162 -12.60 10.70 -22.60
N ALA D 163 -11.81 10.02 -23.45
CA ALA D 163 -10.36 10.20 -23.41
C ALA D 163 -9.96 11.61 -23.82
N LEU D 164 -10.58 12.15 -24.87
CA LEU D 164 -10.28 13.51 -25.30
C LEU D 164 -10.77 14.54 -24.30
N VAL D 165 -11.88 14.25 -23.62
CA VAL D 165 -12.35 15.12 -22.53
C VAL D 165 -11.33 15.12 -21.41
N LEU D 166 -10.93 13.94 -20.94
CA LEU D 166 -9.96 13.85 -19.85
C LEU D 166 -8.64 14.47 -20.24
N GLN D 167 -8.23 14.31 -21.50
CA GLN D 167 -6.98 14.91 -21.96
C GLN D 167 -7.01 16.42 -21.81
N GLN D 168 -8.12 17.05 -22.20
CA GLN D 168 -8.22 18.50 -22.10
C GLN D 168 -8.24 18.96 -20.65
N LEU D 169 -8.84 18.18 -19.74
CA LEU D 169 -8.98 18.60 -18.36
C LEU D 169 -7.66 18.53 -17.61
N VAL D 170 -6.87 17.49 -17.84
CA VAL D 170 -5.65 17.24 -17.08
C VAL D 170 -4.42 17.75 -17.82
N LEU D 171 -4.33 17.50 -19.13
CA LEU D 171 -3.16 17.85 -19.92
C LEU D 171 -3.32 19.14 -20.72
N GLY D 172 -4.54 19.51 -21.07
CA GLY D 172 -4.79 20.71 -21.84
C GLY D 172 -5.10 21.92 -20.98
N ASN D 173 -5.81 22.88 -21.57
CA ASN D 173 -6.10 24.15 -20.91
C ASN D 173 -7.60 24.39 -20.78
N ALA D 174 -8.38 23.30 -20.62
CA ALA D 174 -9.80 23.48 -20.32
C ALA D 174 -10.00 24.19 -18.99
N LEU D 175 -9.10 23.94 -18.02
CA LEU D 175 -9.13 24.56 -16.71
C LEU D 175 -7.86 25.36 -16.46
N PRO D 176 -7.97 26.49 -15.77
CA PRO D 176 -6.76 27.22 -15.34
C PRO D 176 -5.91 26.36 -14.41
N PRO D 177 -4.63 26.67 -14.27
CA PRO D 177 -3.72 25.76 -13.54
C PRO D 177 -4.14 25.46 -12.12
N ASP D 178 -4.73 26.44 -11.41
CA ASP D 178 -5.10 26.22 -10.02
C ASP D 178 -6.23 25.20 -9.90
N LYS D 179 -7.27 25.33 -10.72
CA LYS D 179 -8.36 24.36 -10.69
C LYS D 179 -7.93 23.02 -11.28
N ARG D 180 -7.09 23.04 -12.31
CA ARG D 180 -6.59 21.80 -12.90
C ARG D 180 -5.85 20.96 -11.86
N ALA D 181 -5.09 21.60 -10.97
CA ALA D 181 -4.34 20.86 -9.96
C ALA D 181 -5.27 20.19 -8.96
N LEU D 182 -6.38 20.85 -8.61
CA LEU D 182 -7.35 20.25 -7.69
C LEU D 182 -7.95 18.98 -8.29
N LEU D 183 -8.43 19.07 -9.53
CA LEU D 183 -8.97 17.89 -10.21
C LEU D 183 -7.95 16.77 -10.27
N THR D 184 -6.70 17.11 -10.60
CA THR D 184 -5.66 16.10 -10.72
C THR D 184 -5.38 15.44 -9.36
N ASP D 185 -5.33 16.24 -8.29
CA ASP D 185 -5.02 15.69 -6.97
C ASP D 185 -6.12 14.77 -6.48
N TRP D 186 -7.38 15.14 -6.72
CA TRP D 186 -8.50 14.27 -6.33
C TRP D 186 -8.41 12.92 -7.04
N MET D 187 -8.24 12.94 -8.36
CA MET D 187 -8.08 11.70 -9.10
C MET D 187 -6.81 10.97 -8.70
N ALA D 188 -5.75 11.71 -8.34
CA ALA D 188 -4.49 11.07 -7.94
C ALA D 188 -4.64 10.29 -6.64
N ARG D 189 -5.51 10.75 -5.75
CA ARG D 189 -5.73 10.10 -4.46
C ARG D 189 -7.01 9.28 -4.46
N ASN D 190 -7.44 8.80 -5.63
CA ASN D 190 -8.60 7.95 -5.73
C ASN D 190 -8.36 6.61 -5.04
N THR D 191 -9.42 6.10 -4.41
CA THR D 191 -9.34 4.88 -3.61
C THR D 191 -10.05 3.69 -4.25
N THR D 192 -10.54 3.83 -5.48
CA THR D 192 -11.37 2.80 -6.10
C THR D 192 -10.74 2.12 -7.31
N GLY D 193 -9.56 2.55 -7.75
CA GLY D 193 -9.02 2.04 -9.00
C GLY D 193 -7.82 1.14 -8.90
N ALA D 194 -7.58 0.58 -7.70
CA ALA D 194 -6.36 -0.21 -7.49
C ALA D 194 -6.35 -1.48 -8.33
N LYS D 195 -7.51 -2.02 -8.69
CA LYS D 195 -7.60 -3.30 -9.36
C LYS D 195 -7.78 -3.17 -10.87
N ARG D 196 -7.68 -1.95 -11.42
CA ARG D 196 -7.99 -1.73 -12.82
C ARG D 196 -6.72 -1.28 -13.53
N ILE D 197 -6.70 -0.06 -14.11
CA ILE D 197 -5.56 0.38 -14.91
C ILE D 197 -4.28 0.39 -14.08
N ARG D 198 -4.37 0.81 -12.82
CA ARG D 198 -3.20 0.77 -11.93
C ARG D 198 -2.64 -0.64 -11.80
N ALA D 199 -3.52 -1.65 -11.75
CA ALA D 199 -3.03 -3.02 -11.58
C ALA D 199 -2.33 -3.53 -12.83
N GLY D 200 -2.56 -2.90 -13.98
CA GLY D 200 -1.97 -3.36 -15.23
C GLY D 200 -0.71 -2.64 -15.64
N PHE D 201 -0.39 -1.50 -14.97
CA PHE D 201 0.81 -0.74 -15.26
C PHE D 201 1.87 -0.98 -14.19
N PRO D 202 3.15 -0.97 -14.58
CA PRO D 202 4.22 -1.10 -13.60
C PRO D 202 4.16 0.00 -12.55
N ALA D 203 4.68 -0.32 -11.37
CA ALA D 203 4.57 0.59 -10.23
C ALA D 203 5.29 1.91 -10.47
N ASP D 204 6.33 1.92 -11.32
CA ASP D 204 7.06 3.15 -11.58
C ASP D 204 6.34 4.06 -12.57
N TRP D 205 5.21 3.63 -13.11
CA TRP D 205 4.32 4.53 -13.85
C TRP D 205 3.35 5.19 -12.88
N LYS D 206 3.14 6.48 -13.04
CA LYS D 206 2.16 7.18 -12.23
C LYS D 206 0.79 7.09 -12.90
N VAL D 207 -0.24 6.85 -12.09
CA VAL D 207 -1.60 6.64 -12.59
C VAL D 207 -2.57 7.41 -11.72
N ILE D 208 -3.36 8.29 -12.33
CA ILE D 208 -4.52 8.91 -11.71
C ILE D 208 -5.74 8.47 -12.51
N ASP D 209 -6.83 8.18 -11.82
CA ASP D 209 -7.95 7.54 -12.51
C ASP D 209 -9.28 7.90 -11.84
N LYS D 210 -10.36 7.64 -12.58
CA LYS D 210 -11.72 7.67 -12.08
C LYS D 210 -12.44 6.42 -12.60
N THR D 211 -13.00 5.64 -11.68
CA THR D 211 -13.61 4.37 -12.04
C THR D 211 -15.07 4.55 -12.41
N GLY D 212 -15.61 3.50 -13.02
CA GLY D 212 -17.04 3.37 -13.25
C GLY D 212 -17.44 1.91 -13.15
N THR D 213 -18.51 1.62 -12.42
CA THR D 213 -18.99 0.27 -12.24
C THR D 213 -20.52 0.30 -12.23
N GLY D 214 -21.14 -0.64 -12.93
CA GLY D 214 -22.59 -0.68 -12.96
C GLY D 214 -23.14 -2.06 -13.17
N ASP D 215 -24.44 -2.14 -13.46
CA ASP D 215 -25.06 -3.41 -13.78
C ASP D 215 -24.64 -3.83 -15.19
N TYR D 216 -25.07 -5.03 -15.58
CA TYR D 216 -24.70 -5.62 -16.87
C TYR D 216 -23.19 -5.80 -16.99
N GLY D 217 -22.53 -6.09 -15.87
CA GLY D 217 -21.09 -6.32 -15.88
C GLY D 217 -20.25 -5.12 -16.24
N ARG D 218 -20.78 -3.91 -16.04
CA ARG D 218 -20.09 -2.71 -16.46
C ARG D 218 -18.95 -2.37 -15.52
N ALA D 219 -17.76 -2.19 -16.09
CA ALA D 219 -16.58 -1.78 -15.35
C ALA D 219 -15.73 -0.91 -16.25
N ASN D 220 -15.59 0.36 -15.87
CA ASN D 220 -14.79 1.31 -16.63
C ASN D 220 -13.67 1.86 -15.75
N ASP D 221 -12.65 2.40 -16.41
CA ASP D 221 -11.59 3.13 -15.72
C ASP D 221 -10.99 4.10 -16.73
N ILE D 222 -11.03 5.39 -16.43
CA ILE D 222 -10.40 6.41 -17.25
C ILE D 222 -9.23 6.99 -16.46
N ALA D 223 -8.07 7.09 -17.10
CA ALA D 223 -6.85 7.42 -16.38
C ALA D 223 -5.94 8.29 -17.24
N VAL D 224 -5.12 9.08 -16.55
CA VAL D 224 -3.93 9.69 -17.12
C VAL D 224 -2.72 9.01 -16.48
N VAL D 225 -1.81 8.52 -17.30
CA VAL D 225 -0.63 7.80 -16.83
C VAL D 225 0.63 8.51 -17.32
N TRP D 226 1.66 8.49 -16.48
CA TRP D 226 2.97 9.04 -16.79
C TRP D 226 3.99 7.93 -16.77
N SER D 227 4.80 7.83 -17.83
CA SER D 227 5.91 6.88 -17.89
C SER D 227 6.96 7.23 -16.85
N PRO D 228 7.90 6.32 -16.56
CA PRO D 228 9.02 6.69 -15.66
C PRO D 228 9.78 7.93 -16.13
N THR D 229 9.82 8.21 -17.43
CA THR D 229 10.46 9.41 -17.94
C THR D 229 9.56 10.63 -17.89
N GLY D 230 8.34 10.51 -17.36
CA GLY D 230 7.46 11.64 -17.19
C GLY D 230 6.59 11.98 -18.39
N VAL D 231 6.48 11.09 -19.36
CA VAL D 231 5.67 11.36 -20.55
C VAL D 231 4.22 10.95 -20.24
N PRO D 232 3.26 11.86 -20.42
CA PRO D 232 1.87 11.53 -20.06
C PRO D 232 1.09 10.89 -21.19
N TYR D 233 0.20 9.97 -20.80
CA TYR D 233 -0.71 9.32 -21.72
C TYR D 233 -2.11 9.27 -21.11
N VAL D 234 -3.11 9.37 -21.98
CA VAL D 234 -4.51 9.22 -21.59
C VAL D 234 -4.97 7.82 -21.98
N VAL D 235 -5.54 7.10 -21.02
CA VAL D 235 -6.00 5.74 -21.24
C VAL D 235 -7.46 5.66 -20.80
N ALA D 236 -8.34 5.33 -21.74
CA ALA D 236 -9.75 5.07 -21.46
C ALA D 236 -10.02 3.60 -21.76
N VAL D 237 -10.50 2.88 -20.75
CA VAL D 237 -10.86 1.47 -20.89
C VAL D 237 -12.28 1.30 -20.37
N MET D 238 -13.16 0.80 -21.23
CA MET D 238 -14.56 0.61 -20.88
C MET D 238 -14.96 -0.82 -21.25
N SER D 239 -15.86 -1.39 -20.45
CA SER D 239 -16.27 -2.77 -20.67
C SER D 239 -17.67 -2.98 -20.10
N ASP D 240 -18.39 -3.93 -20.70
CA ASP D 240 -19.60 -4.44 -20.08
C ASP D 240 -19.74 -5.90 -20.45
N ARG D 241 -20.64 -6.59 -19.73
CA ARG D 241 -20.99 -7.97 -19.97
C ARG D 241 -22.51 -8.06 -20.09
N ALA D 242 -23.05 -7.20 -20.96
CA ALA D 242 -24.50 -6.99 -21.01
C ALA D 242 -25.25 -8.25 -21.40
N GLY D 243 -24.66 -9.10 -22.25
CA GLY D 243 -25.30 -10.35 -22.62
C GLY D 243 -25.57 -11.26 -21.44
N GLY D 244 -24.83 -11.10 -20.36
CA GLY D 244 -25.02 -11.87 -19.15
C GLY D 244 -26.10 -11.34 -18.23
N GLY D 245 -26.83 -10.32 -18.68
CA GLY D 245 -27.96 -9.81 -17.94
C GLY D 245 -27.63 -8.71 -16.96
N TYR D 246 -28.69 -8.22 -16.31
CA TYR D 246 -28.57 -7.14 -15.33
C TYR D 246 -27.58 -7.48 -14.23
N ASP D 247 -27.60 -8.72 -13.74
CA ASP D 247 -26.78 -9.15 -12.62
C ASP D 247 -25.39 -9.63 -13.03
N ALA D 248 -25.01 -9.47 -14.30
CA ALA D 248 -23.67 -9.87 -14.73
C ALA D 248 -22.62 -9.17 -13.89
N GLU D 249 -21.61 -9.92 -13.47
CA GLU D 249 -20.57 -9.38 -12.60
C GLU D 249 -19.51 -8.66 -13.43
N PRO D 250 -19.11 -7.45 -13.06
CA PRO D 250 -17.98 -6.82 -13.73
C PRO D 250 -16.69 -7.54 -13.42
N ARG D 251 -15.77 -7.51 -14.40
CA ARG D 251 -14.46 -8.16 -14.29
C ARG D 251 -13.38 -7.08 -14.29
N GLU D 252 -12.88 -6.73 -13.11
CA GLU D 252 -11.81 -5.74 -13.02
C GLU D 252 -10.53 -6.24 -13.67
N ALA D 253 -10.27 -7.56 -13.58
CA ALA D 253 -9.05 -8.11 -14.15
C ALA D 253 -8.98 -7.89 -15.65
N LEU D 254 -10.14 -7.85 -16.33
CA LEU D 254 -10.16 -7.53 -17.75
C LEU D 254 -9.53 -6.16 -18.03
N LEU D 255 -9.85 -5.15 -17.21
CA LEU D 255 -9.30 -3.82 -17.43
C LEU D 255 -7.82 -3.79 -17.07
N ALA D 256 -7.41 -4.55 -16.06
CA ALA D 256 -6.00 -4.63 -15.70
C ALA D 256 -5.20 -5.28 -16.82
N GLU D 257 -5.70 -6.38 -17.37
CA GLU D 257 -5.01 -7.04 -18.48
C GLU D 257 -4.97 -6.14 -19.71
N ALA D 258 -6.09 -5.47 -20.01
CA ALA D 258 -6.11 -4.52 -21.13
C ALA D 258 -5.10 -3.41 -20.93
N ALA D 259 -4.96 -2.93 -19.68
CA ALA D 259 -3.97 -1.90 -19.39
C ALA D 259 -2.56 -2.42 -19.59
N THR D 260 -2.28 -3.66 -19.19
CA THR D 260 -0.97 -4.24 -19.42
C THR D 260 -0.65 -4.30 -20.90
N CYS D 261 -1.63 -4.69 -21.73
CA CYS D 261 -1.44 -4.66 -23.17
C CYS D 261 -1.10 -3.25 -23.67
N VAL D 262 -1.81 -2.24 -23.16
CA VAL D 262 -1.52 -0.86 -23.56
C VAL D 262 -0.13 -0.45 -23.12
N ALA D 263 0.26 -0.84 -21.90
CA ALA D 263 1.60 -0.49 -21.41
C ALA D 263 2.69 -1.06 -22.30
N GLY D 264 2.47 -2.26 -22.86
CA GLY D 264 3.47 -2.86 -23.72
C GLY D 264 3.73 -2.05 -24.98
N VAL D 265 2.67 -1.46 -25.54
CA VAL D 265 2.83 -0.65 -26.74
C VAL D 265 3.43 0.71 -26.41
N LEU D 266 3.15 1.23 -25.22
CA LEU D 266 3.67 2.55 -24.81
C LEU D 266 5.07 2.51 -24.22
N ALA D 267 5.59 1.34 -23.86
CA ALA D 267 6.92 1.25 -23.26
C ALA D 267 8.01 1.64 -24.27
P PO4 E . 24.86 -7.71 -10.66
O1 PO4 E . 24.15 -6.86 -11.67
O2 PO4 E . 23.81 -8.51 -9.91
O3 PO4 E . 25.62 -6.83 -9.70
O4 PO4 E . 25.82 -8.65 -11.33
C1 9F2 F . 18.71 -6.87 3.00
S1 9F2 F . 17.77 -5.97 4.17
C2 9F2 F . 18.32 -6.61 5.72
C3 9F2 F . 18.74 -8.07 5.62
C4 9F2 F . 19.40 -8.71 6.82
S2 9F2 F . 21.04 -8.11 6.96
C5 9F2 F . 21.74 -9.05 8.18
N1 9F2 F . 20.96 -9.90 8.86
C6 9F2 F . 21.47 -10.67 9.84
O1 9F2 F . 20.72 -11.47 10.46
C7 9F2 F . 22.82 -10.60 10.15
O2 9F2 F . 23.28 -11.32 11.06
N2 9F2 F . 23.64 -9.76 9.50
N3 9F2 F . 23.12 -8.95 8.48
C8 9F2 F . 23.97 -8.02 7.75
C9 9F2 F . 18.54 -8.83 4.53
N4 9F2 F . 18.33 -8.23 3.37
C10 9F2 F . 17.71 -8.62 2.27
O3 9F2 F . 17.17 -9.62 1.85
C11 9F2 F . 17.97 -7.26 1.74
N5 9F2 F . 16.92 -6.41 1.26
C12 9F2 F . 17.19 -5.47 0.36
O4 9F2 F . 18.31 -5.28 -0.07
C13 9F2 F . 16.09 -4.63 -0.11
N6 9F2 F . 15.44 -5.00 -1.13
O5 9F2 F . 15.71 -6.08 -1.71
C14 9F2 F . 14.78 -7.16 -1.69
C15 9F2 F . 15.77 -3.37 0.60
C16 9F2 F . 16.71 -2.66 1.36
S3 9F2 F . 15.92 -1.27 2.02
C17 9F2 F . 14.43 -1.69 1.29
N7 9F2 F . 13.29 -0.97 1.41
N8 9F2 F . 14.50 -2.83 0.57
C18 9F2 F . 18.55 -10.29 4.58
O6 9F2 F . 17.68 -10.89 5.23
O7 9F2 F . 19.45 -10.90 3.95
C1 9F2 G . 20.53 -1.85 7.04
S1 9F2 G . 19.89 -3.41 6.57
C2 9F2 G . 18.28 -3.00 5.95
C3 9F2 G . 17.55 -2.03 6.84
C4 9F2 G . 16.04 -1.97 6.73
S2 9F2 G . 15.30 -3.21 7.74
C5 9F2 G . 14.68 -4.49 6.81
N1 9F2 G . 15.34 -5.67 6.75
C6 9F2 G . 14.85 -6.70 6.01
O1 9F2 G . 15.46 -7.78 5.96
C7 9F2 G . 13.66 -6.56 5.30
O2 9F2 G . 13.23 -7.51 4.63
N2 9F2 G . 12.98 -5.41 5.33
N3 9F2 G . 13.47 -4.34 6.09
C8 9F2 G . 12.72 -3.08 6.13
C9 9F2 G . 18.17 -1.21 7.72
N4 9F2 G . 19.48 -1.34 7.93
C10 9F2 G . 20.16 -1.14 9.03
O3 9F2 G . 20.00 -0.62 10.13
C11 9F2 G . 21.29 -1.82 8.36
N5 9F2 G . 21.80 -3.05 8.91
C12 9F2 G . 22.94 -3.65 8.57
O4 9F2 G . 23.58 -3.35 7.58
C13 9F2 G . 23.42 -4.71 9.45
N6 9F2 G . 24.67 -4.71 9.68
O5 9F2 G . 25.23 -5.56 10.42
C14 9F2 G . 26.64 -5.55 10.55
C15 9F2 G . 22.45 -5.68 10.06
C16 9F2 G . 21.15 -5.86 9.54
S3 9F2 G . 20.32 -7.05 10.49
C17 9F2 G . 21.70 -7.26 11.50
N7 9F2 G . 21.74 -8.13 12.54
N8 9F2 G . 22.73 -6.47 11.15
C18 9F2 G . 17.45 -0.23 8.52
O6 9F2 G . 17.44 0.96 8.16
O7 9F2 G . 16.87 -0.61 9.56
N CUG H . 22.24 -2.50 9.18
CA CUG H . 21.06 -1.69 8.82
C CUG H . 21.22 -0.19 9.18
O CUG H . 20.77 0.15 10.26
CB CUG H . 20.53 -1.83 7.38
CAA CUG H . 26.57 -5.55 10.37
CAJ CUG H . 21.03 -5.64 9.64
CAK CUG H . 16.06 -2.03 6.76
CAL CUG H . 18.34 -3.12 6.15
CAV CUG H . 17.50 -0.29 8.53
CAW CUG H . 22.85 -3.52 8.56
CAX CUG H . 17.57 -2.03 6.85
CAZ CUG H . 23.34 -4.60 9.43
CBA CUG H . 18.20 -1.08 7.53
CBB CUG H . 21.68 -7.24 11.40
CBC CUG H . 22.37 -5.57 10.03
NAC CUG H . 21.76 -8.21 12.35
NAM CUG H . 24.58 -4.63 9.60
NAN CUG H . 22.72 -6.48 11.02
NBI CUG H . 19.49 -0.83 7.30
O2 CUG H . 15.55 -3.22 7.37
OAD CUG H . 17.02 -0.85 9.55
OAE CUG H . 23.03 -3.60 7.36
OAI CUG H . 17.38 0.94 8.35
OAR CUG H . 25.16 -5.49 10.32
SAT CUG H . 19.83 -3.42 7.04
SAU CUG H . 20.24 -6.88 10.56
P PO4 I . -25.26 5.74 11.23
O1 PO4 I . -25.46 6.34 9.86
O2 PO4 I . -24.85 4.30 11.09
O3 PO4 I . -26.54 5.81 12.02
O4 PO4 I . -24.16 6.49 11.94
C1 9F2 J . -20.00 -0.27 -1.75
S1 9F2 J . -18.89 -0.22 -3.10
C2 9F2 J . -19.62 -1.23 -4.36
C3 9F2 J . -20.63 -2.23 -3.81
C4 9F2 J . -21.57 -2.89 -4.79
S2 9F2 J . -23.20 -2.26 -4.59
C5 9F2 J . -24.20 -2.92 -5.79
N1 9F2 J . -24.00 -4.19 -6.20
C6 9F2 J . -24.78 -4.73 -7.16
O1 9F2 J . -24.58 -5.91 -7.54
C7 9F2 J . -25.82 -4.01 -7.73
O2 9F2 J . -26.54 -4.53 -8.61
N2 9F2 J . -26.05 -2.75 -7.34
N3 9F2 J . -25.25 -2.17 -6.36
C8 9F2 J . -25.49 -0.79 -5.92
C9 9F2 J . -20.70 -2.55 -2.52
N4 9F2 J . -20.19 -1.71 -1.63
C10 9F2 J . -19.64 -1.93 -0.44
O3 9F2 J . -19.44 -2.88 0.30
C11 9F2 J . -19.36 -0.48 -0.39
N5 9F2 J . -18.02 0.04 -0.18
C12 9F2 J . -17.83 1.19 0.48
O4 9F2 J . -18.77 1.88 0.85
C13 9F2 J . -16.48 1.62 0.74
N6 9F2 J . -15.93 1.28 1.82
O5 9F2 J . -16.56 0.59 2.67
C14 9F2 J . -15.84 -0.19 3.61
C15 9F2 J . -15.73 2.43 -0.26
C16 9F2 J . -16.38 3.22 -1.25
S3 9F2 J . -15.16 4.00 -2.20
C17 9F2 J . -13.90 3.27 -1.28
N7 9F2 J . -12.58 3.47 -1.51
N8 9F2 J . -14.36 2.48 -0.29
C18 9F2 J . -21.31 -3.79 -2.04
O6 9F2 J . -20.79 -4.88 -2.33
O7 9F2 J . -22.36 -3.70 -1.35
C1 9F2 K . -20.51 3.28 -7.58
S1 9F2 K . -20.45 1.85 -6.59
C2 9F2 K . -18.84 1.95 -5.89
C3 9F2 K . -17.79 2.25 -6.93
C4 9F2 K . -16.37 1.83 -6.65
S2 9F2 K . -16.17 0.17 -7.22
C5 9F2 K . -15.55 -0.83 -6.00
N1 9F2 K . -16.29 -1.15 -4.92
C6 9F2 K . -15.79 -1.95 -3.96
O1 9F2 K . -16.49 -2.24 -2.96
C7 9F2 K . -14.51 -2.46 -4.06
O2 9F2 K . -14.07 -3.21 -3.16
N2 9F2 K . -13.75 -2.18 -5.12
N3 9F2 K . -14.25 -1.34 -6.12
C8 9F2 K . -13.44 -1.02 -7.30
C9 9F2 K . -18.06 2.86 -8.09
N4 9F2 K . -19.32 3.11 -8.42
C10 9F2 K . -19.88 3.14 -9.62
O3 9F2 K . -19.50 3.17 -10.78
C11 9F2 K . -21.19 3.21 -8.95
N5 9F2 K . -22.19 2.19 -9.24
C12 9F2 K . -23.17 1.75 -8.45
O4 9F2 K . -23.53 2.33 -7.43
C13 9F2 K . -23.81 0.51 -8.86
N6 9F2 K . -25.01 0.56 -9.23
O5 9F2 K . -25.63 1.65 -9.23
C14 9F2 K . -27.02 1.68 -9.58
C15 9F2 K . -23.05 -0.78 -8.87
C16 9F2 K . -21.86 -0.96 -8.13
S3 9F2 K . -21.29 -2.57 -8.41
C17 9F2 K . -22.62 -2.92 -9.45
N7 9F2 K . -22.81 -4.12 -10.05
N8 9F2 K . -23.46 -1.88 -9.58
C18 9F2 K . -17.03 3.22 -9.07
O6 9F2 K . -16.53 2.32 -9.79
O7 9F2 K . -16.68 4.41 -9.19
O1 FZS L . -19.72 3.99 -11.02
N FZS L . -22.30 2.95 -9.15
CA FZS L . -20.85 3.10 -9.10
C FZS L . -20.36 4.29 -9.99
CB FZS L . -20.30 3.35 -7.68
CAA FZS L . -26.93 1.87 -9.61
CAJ FZS L . -21.76 -0.80 -8.39
CAK FZS L . -16.38 1.74 -6.64
CAL FZS L . -18.70 1.89 -5.84
CAV FZS L . -17.02 3.17 -9.20
CAW FZS L . -23.06 2.14 -8.39
CAX FZS L . -17.60 2.21 -6.82
CAZ FZS L . -23.69 0.86 -8.98
CBA FZS L . -17.92 3.09 -7.99
CBB FZS L . -22.82 -2.73 -9.56
CBC FZS L . -22.99 -0.52 -9.02
NAC FZS L . -23.17 -3.91 -10.12
NAM FZS L . -24.85 0.92 -9.45
NAN FZS L . -23.57 -1.60 -9.66
NBI FZS L . -18.95 3.83 -7.96
OAD FZS L . -16.62 4.29 -9.58
OAE FZS L . -23.26 2.39 -7.22
OAI FZS L . -16.72 2.12 -9.79
OAR FZS L . -25.52 1.97 -9.47
SAT FZS L . -20.21 1.86 -6.73
SAU FZS L . -21.37 -2.47 -8.67
#